data_8XK9
#
_entry.id   8XK9
#
_cell.length_a   105.986
_cell.length_b   105.986
_cell.length_c   191.722
_cell.angle_alpha   90.00
_cell.angle_beta   90.00
_cell.angle_gamma   90.00
#
_symmetry.space_group_name_H-M   'P 43'
#
loop_
_entity.id
_entity.type
_entity.pdbx_description
1 polymer "DNA (5'-D(*GP*AP*CP*CP*AP*CP*GP*GP*CP*GP*CP*(DOC))-3')"
2 polymer "DNA (5'-D(*AP*AP*CP*GP*GP*CP*GP*CP*CP*GP*TP*GP*GP*TP*C)-R(P*(OMG))-3')"
3 polymer 'DNA polymerase I, thermostable'
4 non-polymer 'MAGNESIUM ION'
5 non-polymer '[[(2~{R},3~{R},4~{R},5~{R})-5-(2-azanyl-6-oxidanylidene-1~{H}-purin-9-yl)-4-methoxy-3-oxidanyl-oxolan-2-yl]methoxy-oxidanyl-phosphoryl] phosphono hydrogen phosphate'
6 non-polymer DI(HYDROXYETHYL)ETHER
7 non-polymer 'PHOSPHATE ION'
8 water water
#
loop_
_entity_poly.entity_id
_entity_poly.type
_entity_poly.pdbx_seq_one_letter_code
_entity_poly.pdbx_strand_id
1 'polydeoxyribonucleotide' (DG)(DA)(DC)(DC)(DA)(DC)(DG)(DG)(DC)(DG)(DC)(DOC) B,E
2 'polydeoxyribonucleotide' (DA)(DA)(DC)(DG)(DG)(DC)(DG)(DC)(DC)(DG)(DT)(DG)(DG)(DT)(DC)(OMG) C,F
3 'polypeptide(L)'
;MEEAPWPPPEGAFVGFVLSRKEPMWADLLALAAARGGRVHRAPEPYKALRDLKEARGLLAKDLSVLALREGLGLPPGDDP
MLLAYLLDPSNTTPEGVARRYGGEWTEEAGERAALSERLFANLWGRLEGEERLLWLYREVERPLSAVLAHMEATGVRLDV
AYLRALSLEVAEEIARLEAEVFRLAGHPFNLNSRDQLERVLFDELGLPAIGKTEKTGKRSTSAAALEALREAHPIVEKIL
QYRELTKLKSTYIDPLPDLIHPRTGRLHTRFNQTATATGRLSSSDPNLQSIPVRTPLGQRIRRAFIAEEGWLLVALDYSQ
EGLRVLAHLSGDENLIRVFQEGRDIHTETASWMFGVPREAVNPLMRRAAKTINFGVLYGMSAHRLSQKLAIPYEEAQAFI
ERYFQSFPKVRAWIEKTLEEGRRRGYVETLFGRRRYVPDLEARVKSVRQAAERRAFNMPVQGTAADLMKLAMVKLFPRLE
EMGARMLLQVHDELVLEAPKERAEAVARLAKEVMEGVYPLAVPLEVEVGIGEDWLSAKE
;
A,D
#
loop_
_chem_comp.id
_chem_comp.type
_chem_comp.name
_chem_comp.formula
A1LWE non-polymer '[[(2~{R},3~{R},4~{R},5~{R})-5-(2-azanyl-6-oxidanylidene-1~{H}-purin-9-yl)-4-methoxy-3-oxidanyl-oxolan-2-yl]methoxy-oxidanyl-phosphoryl] phosphono hydrogen phosphate' 'C11 H18 N5 O14 P3'
DA DNA linking 2'-DEOXYADENOSINE-5'-MONOPHOSPHATE 'C10 H14 N5 O6 P'
DC DNA linking 2'-DEOXYCYTIDINE-5'-MONOPHOSPHATE 'C9 H14 N3 O7 P'
DG DNA linking 2'-DEOXYGUANOSINE-5'-MONOPHOSPHATE 'C10 H14 N5 O7 P'
DOC DNA linking 2',3'-DIDEOXYCYTIDINE-5'-MONOPHOSPHATE 'C9 H14 N3 O6 P'
DT DNA linking THYMIDINE-5'-MONOPHOSPHATE 'C10 H15 N2 O8 P'
MG non-polymer 'MAGNESIUM ION' 'Mg 2'
OMG RNA linking O2'-METHYLGUANOSINE-5'-MONOPHOSPHATE 'C11 H16 N5 O8 P'
PEG non-polymer DI(HYDROXYETHYL)ETHER 'C4 H10 O3'
PO4 non-polymer 'PHOSPHATE ION' 'O4 P -3'
#
# COMPACT_ATOMS: atom_id res chain seq x y z
N1 DOC A 12 -22.94 -5.23 9.61
C2 DOC A 12 -22.77 -4.25 10.57
N3 DOC A 12 -23.48 -4.31 11.71
C4 DOC A 12 -24.37 -5.28 11.91
C5 DOC A 12 -24.57 -6.30 10.94
C6 DOC A 12 -23.85 -6.23 9.81
O2 DOC A 12 -21.94 -3.35 10.37
N4 DOC A 12 -25.03 -5.25 13.06
C1' DOC A 12 -22.13 -5.13 8.38
C2' DOC A 12 -20.77 -5.83 8.52
C3' DOC A 12 -20.99 -7.14 7.82
C4' DOC A 12 -22.01 -6.80 6.74
O4' DOC A 12 -22.83 -5.78 7.33
C5' DOC A 12 -22.91 -7.91 6.31
O5' DOC A 12 -23.56 -8.49 7.48
P DOC A 12 -24.57 -9.75 7.26
OP1 DOC A 12 -23.83 -10.79 6.41
OP2 DOC A 12 -24.95 -10.17 8.66
P OMG B 16 -50.47 24.67 12.49
OP1 OMG B 16 -49.17 25.13 13.08
OP2 OMG B 16 -51.74 24.88 13.28
O5' OMG B 16 -50.65 25.37 11.05
C5' OMG B 16 -50.12 24.76 9.84
C4' OMG B 16 -51.17 24.76 8.75
O4' OMG B 16 -52.07 23.63 8.94
C3' OMG B 16 -52.08 26.00 8.69
O3' OMG B 16 -52.35 26.32 7.33
C2' OMG B 16 -53.31 25.55 9.50
O2' OMG B 16 -54.50 26.28 9.22
CM2 OMG B 16 -55.15 26.79 10.39
C1' OMG B 16 -53.40 24.09 9.04
N9 OMG B 16 -54.13 23.22 9.97
C8 OMG B 16 -54.34 23.39 11.32
N7 OMG B 16 -55.05 22.42 11.86
C5 OMG B 16 -55.33 21.56 10.80
C6 OMG B 16 -56.06 20.34 10.78
O6 OMG B 16 -56.62 19.76 11.72
N1 OMG B 16 -56.09 19.80 9.50
C2 OMG B 16 -55.50 20.34 8.38
N2 OMG B 16 -55.64 19.67 7.22
N3 OMG B 16 -54.81 21.49 8.40
C4 OMG B 16 -54.76 22.04 9.63
N GLU C 3 -21.71 34.11 -20.60
CA GLU C 3 -22.19 32.75 -21.00
C GLU C 3 -21.69 32.43 -22.41
N ALA C 4 -20.71 31.53 -22.48
CA ALA C 4 -20.10 31.12 -23.74
C ALA C 4 -20.81 29.88 -24.28
N PRO C 5 -20.45 29.40 -25.50
CA PRO C 5 -21.18 28.31 -26.14
C PRO C 5 -20.57 26.92 -25.90
N TRP C 6 -21.44 25.90 -25.86
CA TRP C 6 -20.98 24.52 -25.84
C TRP C 6 -20.15 24.26 -27.10
N PRO C 7 -19.05 23.45 -27.09
CA PRO C 7 -18.57 22.75 -25.90
C PRO C 7 -17.65 23.60 -25.04
N PRO C 8 -17.44 23.20 -23.76
CA PRO C 8 -16.48 23.87 -22.88
C PRO C 8 -15.03 23.50 -23.17
N PRO C 9 -14.06 24.30 -22.67
CA PRO C 9 -12.64 23.96 -22.81
C PRO C 9 -12.33 22.75 -21.93
N GLU C 10 -11.09 22.25 -21.99
CA GLU C 10 -10.71 21.07 -21.22
C GLU C 10 -10.50 21.42 -19.74
N GLY C 11 -10.72 20.41 -18.89
CA GLY C 11 -10.62 20.56 -17.44
C GLY C 11 -11.75 21.41 -16.85
N ALA C 12 -12.87 21.50 -17.56
CA ALA C 12 -14.03 22.22 -17.05
C ALA C 12 -14.74 21.34 -16.03
N PHE C 13 -15.48 21.99 -15.12
CA PHE C 13 -16.29 21.31 -14.14
C PHE C 13 -17.73 21.27 -14.64
N VAL C 14 -18.40 20.13 -14.41
CA VAL C 14 -19.73 19.90 -14.93
C VAL C 14 -20.77 20.15 -13.84
N GLY C 15 -21.96 20.51 -14.28
CA GLY C 15 -23.13 20.53 -13.43
C GLY C 15 -24.30 19.94 -14.21
N PHE C 16 -25.30 19.41 -13.51
CA PHE C 16 -26.36 18.70 -14.20
C PHE C 16 -27.56 18.61 -13.28
N VAL C 17 -28.73 18.35 -13.89
CA VAL C 17 -29.97 18.14 -13.16
C VAL C 17 -30.59 16.85 -13.66
N LEU C 18 -31.09 16.05 -12.71
CA LEU C 18 -31.76 14.78 -12.96
C LEU C 18 -33.23 14.93 -12.58
N SER C 19 -34.12 14.19 -13.26
CA SER C 19 -35.54 14.19 -12.89
C SER C 19 -35.72 13.62 -11.47
N ARG C 20 -34.73 12.85 -10.99
CA ARG C 20 -34.83 12.17 -9.69
C ARG C 20 -33.44 11.72 -9.20
N LYS C 21 -33.41 11.28 -7.94
CA LYS C 21 -32.24 10.84 -7.19
C LYS C 21 -31.41 9.79 -7.93
N GLU C 22 -32.09 8.68 -8.27
CA GLU C 22 -31.51 7.44 -8.72
C GLU C 22 -31.02 7.60 -10.15
N PRO C 23 -29.69 7.65 -10.41
CA PRO C 23 -29.19 7.89 -11.76
C PRO C 23 -29.60 6.86 -12.80
N MET C 24 -29.91 5.64 -12.37
CA MET C 24 -30.24 4.60 -13.34
C MET C 24 -31.65 4.80 -13.86
N TRP C 25 -32.50 5.47 -13.07
CA TRP C 25 -33.89 5.69 -13.40
C TRP C 25 -34.13 7.12 -13.89
N ALA C 26 -33.11 7.97 -13.85
CA ALA C 26 -33.36 9.39 -13.95
C ALA C 26 -33.27 9.82 -15.41
N ASP C 27 -33.98 10.91 -15.67
CA ASP C 27 -33.88 11.66 -16.90
C ASP C 27 -32.90 12.82 -16.69
N LEU C 28 -31.99 13.01 -17.65
CA LEU C 28 -31.08 14.14 -17.64
C LEU C 28 -31.76 15.38 -18.24
N LEU C 29 -32.24 16.27 -17.35
CA LEU C 29 -32.92 17.50 -17.73
C LEU C 29 -31.97 18.58 -18.25
N ALA C 30 -30.74 18.66 -17.73
CA ALA C 30 -29.86 19.77 -18.08
C ALA C 30 -28.40 19.45 -17.73
N LEU C 31 -27.48 20.03 -18.51
CA LEU C 31 -26.04 19.85 -18.34
C LEU C 31 -25.35 21.17 -18.67
N ALA C 32 -24.39 21.57 -17.82
CA ALA C 32 -23.54 22.72 -18.10
C ALA C 32 -22.13 22.39 -17.65
N ALA C 33 -21.19 23.26 -18.02
CA ALA C 33 -19.80 23.15 -17.62
C ALA C 33 -19.21 24.54 -17.41
N ALA C 34 -18.23 24.64 -16.49
CA ALA C 34 -17.66 25.91 -16.10
C ALA C 34 -16.15 25.83 -16.06
N ARG C 35 -15.48 26.88 -16.58
CA ARG C 35 -14.06 27.05 -16.41
C ARG C 35 -13.77 28.55 -16.35
N GLY C 36 -12.82 28.92 -15.50
CA GLY C 36 -12.48 30.31 -15.22
C GLY C 36 -13.71 31.20 -15.02
N GLY C 37 -14.78 30.66 -14.44
CA GLY C 37 -15.96 31.47 -14.13
C GLY C 37 -17.00 31.53 -15.24
N ARG C 38 -16.62 31.11 -16.46
CA ARG C 38 -17.51 31.09 -17.62
C ARG C 38 -18.39 29.83 -17.61
N VAL C 39 -19.69 30.03 -17.82
CA VAL C 39 -20.65 28.94 -17.80
C VAL C 39 -21.04 28.62 -19.25
N HIS C 40 -20.79 27.36 -19.67
CA HIS C 40 -21.16 26.88 -20.99
C HIS C 40 -22.36 25.94 -20.88
N ARG C 41 -23.53 26.37 -21.35
CA ARG C 41 -24.74 25.55 -21.25
C ARG C 41 -24.89 24.72 -22.52
N ALA C 42 -25.28 23.44 -22.35
CA ALA C 42 -25.42 22.50 -23.45
C ALA C 42 -26.89 22.41 -23.85
N PRO C 43 -27.26 22.69 -25.13
CA PRO C 43 -28.65 22.65 -25.57
C PRO C 43 -29.25 21.25 -25.68
N GLU C 44 -28.39 20.25 -25.99
CA GLU C 44 -28.82 18.86 -26.00
C GLU C 44 -28.04 18.07 -24.95
N PRO C 45 -28.58 17.94 -23.71
CA PRO C 45 -27.82 17.39 -22.59
C PRO C 45 -27.17 16.04 -22.90
N TYR C 46 -27.99 15.04 -23.28
CA TYR C 46 -27.54 13.68 -23.51
C TYR C 46 -26.44 13.58 -24.58
N LYS C 47 -26.48 14.42 -25.61
CA LYS C 47 -25.51 14.35 -26.70
C LYS C 47 -24.24 15.08 -26.31
N ALA C 48 -24.40 16.05 -25.41
CA ALA C 48 -23.31 16.89 -24.92
C ALA C 48 -22.35 16.10 -24.02
N LEU C 49 -22.84 14.98 -23.46
CA LEU C 49 -22.00 14.07 -22.69
C LEU C 49 -20.80 13.59 -23.50
N ARG C 50 -20.96 13.45 -24.82
CA ARG C 50 -19.91 12.94 -25.70
C ARG C 50 -18.70 13.88 -25.75
N ASP C 51 -18.90 15.16 -25.41
CA ASP C 51 -17.87 16.17 -25.59
C ASP C 51 -16.91 16.21 -24.40
N LEU C 52 -17.35 15.66 -23.25
CA LEU C 52 -16.55 15.64 -22.03
C LEU C 52 -15.66 14.41 -22.03
N LYS C 53 -14.43 14.56 -21.55
CA LYS C 53 -13.51 13.44 -21.37
C LYS C 53 -13.73 12.74 -20.02
N GLU C 54 -14.31 13.47 -19.06
CA GLU C 54 -14.64 12.94 -17.75
C GLU C 54 -15.71 13.84 -17.15
N ALA C 55 -16.43 13.33 -16.14
CA ALA C 55 -17.26 14.15 -15.28
C ALA C 55 -16.47 14.61 -14.05
N ARG C 56 -16.12 15.90 -14.01
CA ARG C 56 -15.50 16.54 -12.86
C ARG C 56 -16.50 17.48 -12.20
N GLY C 57 -16.86 17.21 -10.94
CA GLY C 57 -17.68 18.16 -10.23
C GLY C 57 -18.55 17.46 -9.20
N LEU C 58 -19.48 18.23 -8.63
CA LEU C 58 -20.31 17.72 -7.57
C LEU C 58 -21.10 16.52 -8.11
N LEU C 59 -21.06 15.42 -7.34
CA LEU C 59 -21.79 14.21 -7.61
C LEU C 59 -21.40 13.64 -8.97
N ALA C 60 -20.11 13.72 -9.30
CA ALA C 60 -19.61 13.27 -10.60
C ALA C 60 -20.01 11.83 -10.91
N LYS C 61 -19.98 10.95 -9.90
CA LYS C 61 -20.25 9.54 -10.11
C LYS C 61 -21.67 9.34 -10.63
N ASP C 62 -22.64 10.08 -10.10
CA ASP C 62 -24.04 9.94 -10.48
C ASP C 62 -24.22 10.18 -11.97
N LEU C 63 -23.52 11.19 -12.51
CA LEU C 63 -23.65 11.51 -13.92
C LEU C 63 -22.99 10.42 -14.75
N SER C 64 -21.84 9.97 -14.27
CA SER C 64 -21.10 8.90 -14.91
C SER C 64 -21.96 7.62 -15.01
N VAL C 65 -22.79 7.37 -14.00
CA VAL C 65 -23.66 6.20 -13.99
C VAL C 65 -24.71 6.35 -15.08
N LEU C 66 -25.38 7.52 -15.14
CA LEU C 66 -26.33 7.79 -16.21
C LEU C 66 -25.67 7.61 -17.57
N ALA C 67 -24.44 8.10 -17.72
CA ALA C 67 -23.74 7.99 -18.98
C ALA C 67 -23.56 6.51 -19.36
N LEU C 68 -23.07 5.68 -18.43
CA LEU C 68 -22.91 4.26 -18.62
C LEU C 68 -24.22 3.58 -19.05
N ARG C 69 -25.33 3.91 -18.40
CA ARG C 69 -26.65 3.44 -18.78
C ARG C 69 -26.91 3.69 -20.27
N GLU C 70 -26.51 4.87 -20.73
CA GLU C 70 -26.72 5.34 -22.10
C GLU C 70 -25.68 4.74 -23.05
N GLY C 71 -24.73 3.95 -22.53
CA GLY C 71 -23.71 3.29 -23.34
C GLY C 71 -22.46 4.15 -23.55
N LEU C 72 -22.29 5.20 -22.74
CA LEU C 72 -21.11 6.05 -22.86
C LEU C 72 -20.20 5.87 -21.63
N GLY C 73 -18.90 5.69 -21.90
CA GLY C 73 -17.88 5.53 -20.87
C GLY C 73 -17.25 6.87 -20.50
N LEU C 74 -17.93 7.61 -19.62
CA LEU C 74 -17.48 8.91 -19.13
C LEU C 74 -17.12 8.75 -17.66
N PRO C 75 -15.82 8.57 -17.33
CA PRO C 75 -15.42 8.25 -15.97
C PRO C 75 -15.61 9.49 -15.10
N PRO C 76 -15.93 9.32 -13.80
CA PRO C 76 -15.93 10.45 -12.87
C PRO C 76 -14.48 10.78 -12.48
N GLY C 77 -14.20 12.08 -12.35
CA GLY C 77 -12.95 12.55 -11.77
C GLY C 77 -13.20 13.36 -10.50
N ASP C 78 -12.56 14.54 -10.40
CA ASP C 78 -12.58 15.33 -9.18
C ASP C 78 -14.04 15.55 -8.76
N ASP C 79 -14.29 15.52 -7.46
CA ASP C 79 -15.59 15.83 -6.91
C ASP C 79 -15.39 16.48 -5.54
N PRO C 80 -15.71 17.78 -5.38
CA PRO C 80 -15.60 18.47 -4.10
C PRO C 80 -16.27 17.78 -2.92
N MET C 81 -17.34 17.04 -3.17
CA MET C 81 -17.99 16.26 -2.10
C MET C 81 -17.00 15.32 -1.42
N LEU C 82 -16.08 14.72 -2.20
CA LEU C 82 -15.09 13.80 -1.66
C LEU C 82 -14.04 14.54 -0.82
N LEU C 83 -13.61 15.71 -1.30
CA LEU C 83 -12.71 16.57 -0.54
C LEU C 83 -13.38 16.92 0.78
N ALA C 84 -14.64 17.31 0.72
CA ALA C 84 -15.37 17.77 1.89
C ALA C 84 -15.59 16.63 2.89
N TYR C 85 -15.96 15.46 2.37
CA TYR C 85 -16.19 14.28 3.21
C TYR C 85 -14.90 13.92 3.96
N LEU C 86 -13.73 14.11 3.32
CA LEU C 86 -12.45 13.77 3.95
C LEU C 86 -12.06 14.81 4.98
N LEU C 87 -12.36 16.08 4.71
CA LEU C 87 -12.16 17.17 5.66
C LEU C 87 -12.97 16.93 6.93
N ASP C 88 -14.22 16.47 6.76
CA ASP C 88 -15.14 16.20 7.85
C ASP C 88 -16.28 15.32 7.32
N PRO C 89 -16.38 14.03 7.72
CA PRO C 89 -17.41 13.13 7.20
C PRO C 89 -18.86 13.43 7.62
N SER C 90 -19.05 14.52 8.40
CA SER C 90 -20.35 15.15 8.56
C SER C 90 -20.75 15.94 7.32
N ASN C 91 -19.81 16.16 6.38
CA ASN C 91 -20.18 16.70 5.09
C ASN C 91 -20.73 15.63 4.17
N THR C 92 -22.07 15.51 4.05
CA THR C 92 -22.67 14.45 3.26
C THR C 92 -23.47 14.92 2.05
N THR C 93 -23.89 16.19 1.99
CA THR C 93 -24.69 16.64 0.85
C THR C 93 -24.09 17.90 0.23
N PRO C 94 -24.32 18.14 -1.08
CA PRO C 94 -23.93 19.40 -1.71
C PRO C 94 -24.62 20.64 -1.11
N GLU C 95 -25.88 20.51 -0.67
CA GLU C 95 -26.58 21.61 -0.02
C GLU C 95 -25.77 22.03 1.20
N GLY C 96 -25.42 21.03 2.02
CA GLY C 96 -24.75 21.25 3.30
C GLY C 96 -23.34 21.80 3.11
N VAL C 97 -22.59 21.22 2.16
CA VAL C 97 -21.23 21.63 1.86
C VAL C 97 -21.18 23.08 1.36
N ALA C 98 -22.12 23.45 0.47
CA ALA C 98 -22.20 24.81 -0.04
C ALA C 98 -22.50 25.80 1.09
N ARG C 99 -23.55 25.50 1.87
CA ARG C 99 -23.91 26.33 3.02
C ARG C 99 -22.71 26.49 3.97
N ARG C 100 -21.97 25.41 4.22
CA ARG C 100 -20.92 25.44 5.23
C ARG C 100 -19.67 26.16 4.72
N TYR C 101 -19.36 26.04 3.42
CA TYR C 101 -18.06 26.45 2.92
C TYR C 101 -18.13 27.56 1.86
N GLY C 102 -19.30 27.76 1.22
CA GLY C 102 -19.42 28.87 0.28
C GLY C 102 -20.21 28.54 -0.97
N GLY C 103 -21.16 29.43 -1.30
CA GLY C 103 -22.02 29.29 -2.46
C GLY C 103 -23.37 28.70 -2.07
N GLU C 104 -24.17 28.33 -3.08
CA GLU C 104 -25.49 27.78 -2.86
C GLU C 104 -25.78 26.66 -3.87
N TRP C 105 -26.33 25.55 -3.38
CA TRP C 105 -26.78 24.45 -4.24
C TRP C 105 -28.15 24.81 -4.80
N THR C 106 -28.20 25.16 -6.09
CA THR C 106 -29.46 25.52 -6.72
C THR C 106 -29.95 24.33 -7.55
N GLU C 107 -31.00 24.56 -8.35
CA GLU C 107 -31.59 23.53 -9.21
C GLU C 107 -31.35 23.89 -10.67
N GLU C 108 -30.20 24.52 -10.95
CA GLU C 108 -29.89 24.97 -12.30
C GLU C 108 -28.48 24.49 -12.63
N ALA C 109 -28.36 23.74 -13.72
CA ALA C 109 -27.12 23.11 -14.13
C ALA C 109 -25.94 24.08 -14.11
N GLY C 110 -26.10 25.26 -14.72
CA GLY C 110 -25.00 26.20 -14.87
C GLY C 110 -24.47 26.73 -13.54
N GLU C 111 -25.38 26.99 -12.61
CA GLU C 111 -25.00 27.41 -11.27
C GLU C 111 -24.24 26.28 -10.58
N ARG C 112 -24.75 25.05 -10.70
CA ARG C 112 -24.15 23.87 -10.12
C ARG C 112 -22.75 23.65 -10.66
N ALA C 113 -22.53 24.01 -11.94
CA ALA C 113 -21.23 23.80 -12.55
C ALA C 113 -20.21 24.81 -12.04
N ALA C 114 -20.68 26.06 -11.78
CA ALA C 114 -19.82 27.12 -11.29
C ALA C 114 -19.47 26.86 -9.82
N LEU C 115 -20.49 26.45 -9.04
CA LEU C 115 -20.31 26.03 -7.66
C LEU C 115 -19.26 24.90 -7.57
N SER C 116 -19.35 23.92 -8.47
CA SER C 116 -18.41 22.82 -8.48
C SER C 116 -16.99 23.36 -8.56
N GLU C 117 -16.77 24.32 -9.48
CA GLU C 117 -15.45 24.88 -9.69
C GLU C 117 -14.93 25.61 -8.45
N ARG C 118 -15.79 26.43 -7.83
CA ARG C 118 -15.41 27.26 -6.70
C ARG C 118 -15.16 26.37 -5.47
N LEU C 119 -16.11 25.49 -5.15
CA LEU C 119 -15.97 24.57 -4.03
C LEU C 119 -14.75 23.68 -4.22
N PHE C 120 -14.36 23.38 -5.46
CA PHE C 120 -13.19 22.52 -5.63
C PHE C 120 -11.94 23.19 -5.10
N ALA C 121 -11.66 24.43 -5.56
CA ALA C 121 -10.46 25.17 -5.15
C ALA C 121 -10.53 25.56 -3.66
N ASN C 122 -11.72 25.92 -3.20
CA ASN C 122 -11.98 26.30 -1.82
C ASN C 122 -11.61 25.16 -0.85
N LEU C 123 -12.14 23.94 -1.11
CA LEU C 123 -11.91 22.78 -0.27
C LEU C 123 -10.50 22.23 -0.43
N TRP C 124 -9.97 22.26 -1.64
CA TRP C 124 -8.56 21.95 -1.87
C TRP C 124 -7.70 22.83 -0.95
N GLY C 125 -7.93 24.15 -1.02
CA GLY C 125 -7.24 25.10 -0.16
C GLY C 125 -7.35 24.75 1.32
N ARG C 126 -8.55 24.37 1.78
CA ARG C 126 -8.76 24.06 3.18
C ARG C 126 -8.05 22.76 3.59
N LEU C 127 -7.68 21.95 2.60
CA LEU C 127 -7.04 20.68 2.85
C LEU C 127 -5.52 20.81 2.71
N GLU C 128 -5.01 22.03 2.50
CA GLU C 128 -3.55 22.19 2.38
C GLU C 128 -2.87 21.79 3.68
N GLY C 129 -1.77 21.04 3.53
CA GLY C 129 -1.05 20.53 4.70
C GLY C 129 -1.58 19.20 5.23
N GLU C 130 -2.78 18.78 4.78
CA GLU C 130 -3.40 17.54 5.22
C GLU C 130 -3.03 16.43 4.24
N GLU C 131 -1.76 16.03 4.29
CA GLU C 131 -1.19 15.23 3.23
C GLU C 131 -1.77 13.81 3.17
N ARG C 132 -2.14 13.23 4.33
CA ARG C 132 -2.73 11.89 4.34
C ARG C 132 -4.18 11.92 3.83
N LEU C 133 -4.94 12.97 4.17
CA LEU C 133 -6.27 13.13 3.60
C LEU C 133 -6.20 13.32 2.08
N LEU C 134 -5.21 14.07 1.59
CA LEU C 134 -5.06 14.27 0.15
C LEU C 134 -4.65 12.97 -0.56
N TRP C 135 -3.81 12.15 0.09
CA TRP C 135 -3.46 10.83 -0.43
C TRP C 135 -4.71 9.93 -0.53
N LEU C 136 -5.58 9.98 0.48
CA LEU C 136 -6.83 9.21 0.44
C LEU C 136 -7.68 9.67 -0.73
N TYR C 137 -7.72 10.99 -0.95
CA TYR C 137 -8.46 11.54 -2.06
C TYR C 137 -7.91 10.99 -3.37
N ARG C 138 -6.61 11.17 -3.60
CA ARG C 138 -6.03 10.87 -4.90
C ARG C 138 -5.97 9.36 -5.14
N GLU C 139 -5.58 8.61 -4.11
CA GLU C 139 -5.25 7.20 -4.29
C GLU C 139 -6.40 6.28 -3.91
N VAL C 140 -7.44 6.77 -3.22
CA VAL C 140 -8.52 5.90 -2.81
C VAL C 140 -9.87 6.44 -3.30
N GLU C 141 -10.27 7.63 -2.84
CA GLU C 141 -11.65 8.06 -3.00
C GLU C 141 -11.96 8.41 -4.45
N ARG C 142 -11.08 9.16 -5.10
CA ARG C 142 -11.34 9.60 -6.47
C ARG C 142 -11.37 8.39 -7.40
N PRO C 143 -10.33 7.51 -7.45
CA PRO C 143 -10.40 6.33 -8.30
C PRO C 143 -11.53 5.36 -7.93
N LEU C 144 -11.91 5.31 -6.65
CA LEU C 144 -13.01 4.45 -6.23
C LEU C 144 -14.33 4.90 -6.83
N SER C 145 -14.50 6.22 -7.00
CA SER C 145 -15.74 6.75 -7.52
C SER C 145 -16.01 6.13 -8.89
N ALA C 146 -14.94 5.90 -9.67
CA ALA C 146 -15.05 5.26 -10.98
C ALA C 146 -15.45 3.80 -10.85
N VAL C 147 -14.89 3.12 -9.84
CA VAL C 147 -15.27 1.74 -9.57
C VAL C 147 -16.76 1.69 -9.24
N LEU C 148 -17.23 2.60 -8.37
CA LEU C 148 -18.61 2.56 -7.91
C LEU C 148 -19.57 2.82 -9.07
N ALA C 149 -19.17 3.72 -9.98
CA ALA C 149 -19.96 4.02 -11.17
C ALA C 149 -20.20 2.74 -11.98
N HIS C 150 -19.15 1.95 -12.20
CA HIS C 150 -19.33 0.71 -12.94
C HIS C 150 -20.25 -0.25 -12.18
N MET C 151 -20.12 -0.29 -10.85
CA MET C 151 -20.83 -1.27 -10.05
C MET C 151 -22.31 -0.96 -10.14
N GLU C 152 -22.65 0.31 -9.94
CA GLU C 152 -24.01 0.79 -10.02
C GLU C 152 -24.65 0.50 -11.38
N ALA C 153 -23.92 0.78 -12.47
CA ALA C 153 -24.48 0.66 -13.83
C ALA C 153 -24.57 -0.80 -14.29
N THR C 154 -23.80 -1.69 -13.65
CA THR C 154 -23.79 -3.10 -14.01
C THR C 154 -24.99 -3.81 -13.39
N GLY C 155 -25.27 -3.55 -12.11
CA GLY C 155 -26.34 -4.23 -11.40
C GLY C 155 -26.11 -5.73 -11.21
N VAL C 156 -27.16 -6.40 -10.71
CA VAL C 156 -27.13 -7.82 -10.38
C VAL C 156 -28.43 -8.46 -10.88
N ARG C 157 -28.30 -9.68 -11.43
CA ARG C 157 -29.43 -10.43 -11.91
C ARG C 157 -30.21 -11.02 -10.74
N LEU C 158 -31.51 -11.17 -10.94
CA LEU C 158 -32.44 -11.63 -9.93
C LEU C 158 -33.29 -12.78 -10.50
N ASP C 159 -33.51 -13.84 -9.70
CA ASP C 159 -34.40 -14.93 -10.10
C ASP C 159 -35.84 -14.53 -9.74
N VAL C 160 -36.53 -13.94 -10.73
CA VAL C 160 -37.82 -13.29 -10.55
C VAL C 160 -38.90 -14.31 -10.19
N ALA C 161 -38.93 -15.46 -10.89
CA ALA C 161 -39.98 -16.46 -10.73
C ALA C 161 -39.92 -17.10 -9.35
N TYR C 162 -38.69 -17.37 -8.90
CA TYR C 162 -38.39 -17.86 -7.56
C TYR C 162 -38.99 -16.91 -6.51
N LEU C 163 -38.76 -15.59 -6.67
CA LEU C 163 -39.26 -14.60 -5.71
C LEU C 163 -40.78 -14.50 -5.71
N ARG C 164 -41.39 -14.54 -6.90
CA ARG C 164 -42.84 -14.55 -7.05
C ARG C 164 -43.46 -15.74 -6.29
N ALA C 165 -42.90 -16.93 -6.47
CA ALA C 165 -43.37 -18.12 -5.76
C ALA C 165 -43.19 -17.95 -4.25
N LEU C 166 -42.09 -17.32 -3.82
CA LEU C 166 -41.81 -17.13 -2.40
C LEU C 166 -42.80 -16.14 -1.78
N SER C 167 -43.20 -15.11 -2.53
CA SER C 167 -44.21 -14.15 -2.05
C SER C 167 -45.53 -14.86 -1.69
N LEU C 168 -45.97 -15.76 -2.59
CA LEU C 168 -47.19 -16.53 -2.44
C LEU C 168 -47.06 -17.44 -1.21
N GLU C 169 -45.91 -18.09 -1.10
CA GLU C 169 -45.71 -19.00 0.03
C GLU C 169 -45.71 -18.25 1.36
N VAL C 170 -45.09 -17.06 1.39
CA VAL C 170 -44.99 -16.27 2.61
C VAL C 170 -46.33 -15.65 2.98
N ALA C 171 -47.06 -15.09 1.99
CA ALA C 171 -48.41 -14.57 2.18
C ALA C 171 -49.29 -15.58 2.94
N GLU C 172 -49.24 -16.85 2.50
CA GLU C 172 -50.02 -17.93 3.12
C GLU C 172 -49.61 -18.13 4.58
N GLU C 173 -48.32 -18.05 4.87
CA GLU C 173 -47.85 -18.23 6.23
C GLU C 173 -48.32 -17.05 7.08
N ILE C 174 -48.25 -15.85 6.51
CA ILE C 174 -48.64 -14.64 7.24
C ILE C 174 -50.11 -14.75 7.65
N ALA C 175 -50.98 -15.15 6.70
CA ALA C 175 -52.41 -15.29 6.99
C ALA C 175 -52.61 -16.29 8.14
N ARG C 176 -51.90 -17.41 8.08
CA ARG C 176 -52.08 -18.47 9.05
C ARG C 176 -51.68 -17.99 10.43
N LEU C 177 -50.55 -17.26 10.52
CA LEU C 177 -50.01 -16.76 11.78
C LEU C 177 -50.94 -15.68 12.34
N GLU C 178 -51.47 -14.82 11.48
CA GLU C 178 -52.39 -13.79 11.94
C GLU C 178 -53.59 -14.42 12.65
N ALA C 179 -54.20 -15.43 12.00
CA ALA C 179 -55.37 -16.13 12.53
C ALA C 179 -55.03 -16.76 13.88
N GLU C 180 -53.88 -17.45 13.93
CA GLU C 180 -53.45 -18.15 15.13
C GLU C 180 -53.17 -17.15 16.27
N VAL C 181 -52.83 -15.89 15.95
CA VAL C 181 -52.59 -14.87 16.98
C VAL C 181 -53.89 -14.19 17.39
N PHE C 182 -54.84 -14.02 16.44
CA PHE C 182 -56.19 -13.54 16.77
C PHE C 182 -56.85 -14.50 17.76
N ARG C 183 -56.86 -15.79 17.42
CA ARG C 183 -57.41 -16.81 18.27
C ARG C 183 -56.82 -16.69 19.67
N LEU C 184 -55.49 -16.58 19.76
CA LEU C 184 -54.77 -16.65 21.03
C LEU C 184 -55.00 -15.42 21.90
N ALA C 185 -55.45 -14.30 21.32
CA ALA C 185 -55.59 -13.05 22.06
C ALA C 185 -57.05 -12.76 22.42
N GLY C 186 -57.99 -13.43 21.75
CA GLY C 186 -59.41 -13.21 21.96
C GLY C 186 -60.07 -12.47 20.79
N HIS C 187 -59.31 -11.60 20.13
CA HIS C 187 -59.87 -10.61 19.24
C HIS C 187 -58.87 -10.25 18.15
N PRO C 188 -59.33 -9.81 16.94
CA PRO C 188 -58.47 -9.11 15.98
C PRO C 188 -57.76 -7.87 16.53
N PHE C 189 -56.65 -7.51 15.86
CA PHE C 189 -55.91 -6.27 16.06
C PHE C 189 -54.83 -6.17 15.00
N ASN C 190 -54.14 -5.02 14.94
CA ASN C 190 -53.03 -4.86 14.00
C ASN C 190 -51.74 -5.38 14.63
N LEU C 191 -51.24 -6.54 14.15
CA LEU C 191 -50.00 -7.12 14.63
C LEU C 191 -48.79 -6.21 14.29
N ASN C 192 -48.91 -5.39 13.24
CA ASN C 192 -47.89 -4.43 12.84
C ASN C 192 -47.89 -3.14 13.66
N SER C 193 -48.86 -2.98 14.59
CA SER C 193 -48.91 -1.81 15.45
C SER C 193 -48.23 -2.15 16.78
N ARG C 194 -47.08 -1.53 17.05
CA ARG C 194 -46.41 -1.72 18.33
C ARG C 194 -47.30 -1.19 19.46
N ASP C 195 -48.05 -0.10 19.24
CA ASP C 195 -48.94 0.42 20.27
C ASP C 195 -49.96 -0.64 20.67
N GLN C 196 -50.61 -1.31 19.70
CA GLN C 196 -51.68 -2.26 19.98
C GLN C 196 -51.11 -3.57 20.54
N LEU C 197 -49.89 -3.92 20.12
CA LEU C 197 -49.19 -5.11 20.63
C LEU C 197 -48.82 -4.95 22.11
N GLU C 198 -48.46 -3.70 22.49
CA GLU C 198 -48.10 -3.34 23.85
C GLU C 198 -49.29 -3.62 24.77
N ARG C 199 -50.45 -3.02 24.43
CA ARG C 199 -51.70 -3.16 25.17
C ARG C 199 -52.13 -4.62 25.25
N VAL C 200 -51.94 -5.38 24.19
CA VAL C 200 -52.40 -6.77 24.16
C VAL C 200 -51.50 -7.66 25.01
N LEU C 201 -50.17 -7.47 24.89
CA LEU C 201 -49.21 -8.38 25.50
C LEU C 201 -49.08 -8.12 27.01
N PHE C 202 -49.14 -6.85 27.40
CA PHE C 202 -48.77 -6.45 28.74
C PHE C 202 -49.98 -6.11 29.60
N ASP C 203 -51.04 -5.55 29.00
CA ASP C 203 -52.26 -5.24 29.72
C ASP C 203 -53.17 -6.47 29.74
N GLU C 204 -53.68 -6.90 28.58
CA GLU C 204 -54.70 -7.93 28.51
C GLU C 204 -54.15 -9.29 28.95
N LEU C 205 -53.02 -9.70 28.35
CA LEU C 205 -52.42 -10.98 28.67
C LEU C 205 -51.49 -10.87 29.89
N GLY C 206 -51.16 -9.62 30.26
CA GLY C 206 -50.52 -9.32 31.53
C GLY C 206 -49.06 -9.78 31.64
N LEU C 207 -48.40 -9.95 30.48
CA LEU C 207 -47.05 -10.51 30.45
C LEU C 207 -46.03 -9.48 30.95
N PRO C 208 -44.90 -9.93 31.56
CA PRO C 208 -43.91 -9.00 32.11
C PRO C 208 -43.27 -8.12 31.02
N ALA C 209 -43.13 -6.82 31.35
CA ALA C 209 -42.66 -5.80 30.42
C ALA C 209 -41.22 -5.41 30.76
N ILE C 210 -40.26 -6.05 30.09
CA ILE C 210 -38.87 -6.10 30.55
C ILE C 210 -38.12 -4.82 30.19
N GLY C 211 -38.43 -4.18 29.05
CA GLY C 211 -37.67 -3.03 28.59
C GLY C 211 -38.54 -1.84 28.22
N LYS C 212 -37.92 -0.67 28.03
CA LYS C 212 -38.60 0.53 27.60
C LYS C 212 -38.17 0.89 26.17
N THR C 213 -38.97 1.74 25.51
CA THR C 213 -38.60 2.30 24.22
C THR C 213 -37.72 3.51 24.50
N GLU C 214 -36.99 3.95 23.47
CA GLU C 214 -35.95 4.95 23.65
C GLU C 214 -36.54 6.29 24.06
N LYS C 215 -37.51 6.79 23.30
CA LYS C 215 -37.84 8.21 23.30
C LYS C 215 -39.27 8.49 23.75
N THR C 216 -40.17 7.50 23.66
CA THR C 216 -41.57 7.66 24.02
C THR C 216 -41.83 7.11 25.42
N GLY C 217 -40.82 6.45 25.99
CA GLY C 217 -40.95 5.79 27.29
C GLY C 217 -42.23 4.96 27.38
N LYS C 218 -42.35 3.96 26.49
CA LYS C 218 -43.41 2.97 26.59
C LYS C 218 -42.77 1.61 26.82
N ARG C 219 -43.58 0.60 27.13
CA ARG C 219 -43.07 -0.76 27.24
C ARG C 219 -42.76 -1.30 25.84
N SER C 220 -41.58 -1.93 25.69
CA SER C 220 -41.04 -2.30 24.38
C SER C 220 -41.57 -3.67 23.95
N THR C 221 -41.85 -3.78 22.65
CA THR C 221 -42.30 -5.03 22.03
C THR C 221 -41.18 -5.61 21.15
N SER C 222 -39.95 -5.09 21.33
CA SER C 222 -38.82 -5.49 20.50
C SER C 222 -38.44 -6.91 20.83
N ALA C 223 -37.70 -7.56 19.91
CA ALA C 223 -37.26 -8.94 20.05
C ALA C 223 -36.44 -9.11 21.32
N ALA C 224 -35.75 -8.03 21.73
CA ALA C 224 -34.98 -8.01 22.97
C ALA C 224 -35.91 -8.27 24.14
N ALA C 225 -36.98 -7.46 24.25
CA ALA C 225 -37.94 -7.49 25.34
C ALA C 225 -38.80 -8.75 25.34
N LEU C 226 -38.84 -9.49 24.22
CA LEU C 226 -39.75 -10.63 24.08
C LEU C 226 -38.98 -11.94 24.00
N GLU C 227 -37.65 -11.89 24.00
CA GLU C 227 -36.85 -13.09 23.77
C GLU C 227 -37.09 -14.12 24.86
N ALA C 228 -37.02 -13.72 26.14
CA ALA C 228 -37.14 -14.63 27.27
C ALA C 228 -38.54 -15.25 27.31
N LEU C 229 -39.54 -14.52 26.77
CA LEU C 229 -40.94 -14.89 26.86
C LEU C 229 -41.34 -15.89 25.78
N ARG C 230 -40.42 -16.27 24.87
CA ARG C 230 -40.77 -17.00 23.66
C ARG C 230 -41.28 -18.41 23.96
N GLU C 231 -40.52 -19.18 24.74
CA GLU C 231 -40.74 -20.61 24.87
C GLU C 231 -41.99 -20.88 25.71
N ALA C 232 -42.21 -20.04 26.73
CA ALA C 232 -43.36 -20.16 27.62
C ALA C 232 -44.66 -19.90 26.87
N HIS C 233 -44.73 -18.78 26.13
CA HIS C 233 -45.97 -18.25 25.57
C HIS C 233 -46.00 -18.39 24.04
N PRO C 234 -46.75 -19.36 23.48
CA PRO C 234 -46.88 -19.51 22.02
C PRO C 234 -47.22 -18.26 21.20
N ILE C 235 -47.92 -17.30 21.80
CA ILE C 235 -48.36 -16.13 21.06
C ILE C 235 -47.16 -15.26 20.68
N VAL C 236 -46.18 -15.19 21.59
CA VAL C 236 -45.00 -14.35 21.42
C VAL C 236 -44.15 -14.89 20.27
N GLU C 237 -43.99 -16.22 20.22
CA GLU C 237 -43.30 -16.87 19.12
C GLU C 237 -43.95 -16.52 17.78
N LYS C 238 -45.28 -16.56 17.75
CA LYS C 238 -46.03 -16.41 16.51
C LYS C 238 -45.92 -14.97 16.01
N ILE C 239 -45.90 -14.01 16.93
CA ILE C 239 -45.78 -12.59 16.61
C ILE C 239 -44.39 -12.31 16.02
N LEU C 240 -43.34 -12.85 16.62
CA LEU C 240 -41.99 -12.67 16.10
C LEU C 240 -41.86 -13.28 14.71
N GLN C 241 -42.45 -14.46 14.49
CA GLN C 241 -42.43 -15.05 13.16
C GLN C 241 -43.21 -14.17 12.16
N TYR C 242 -44.34 -13.60 12.60
CA TYR C 242 -45.17 -12.72 11.77
C TYR C 242 -44.36 -11.52 11.32
N ARG C 243 -43.65 -10.92 12.29
CA ARG C 243 -42.81 -9.76 12.04
C ARG C 243 -41.77 -10.07 10.98
N GLU C 244 -41.08 -11.21 11.12
CA GLU C 244 -40.02 -11.55 10.17
C GLU C 244 -40.60 -11.67 8.76
N LEU C 245 -41.68 -12.46 8.61
CA LEU C 245 -42.29 -12.70 7.31
C LEU C 245 -42.76 -11.40 6.68
N THR C 246 -43.42 -10.54 7.46
CA THR C 246 -43.96 -9.28 6.94
C THR C 246 -42.84 -8.31 6.55
N LYS C 247 -41.77 -8.32 7.35
CA LYS C 247 -40.59 -7.51 7.10
C LYS C 247 -39.97 -7.93 5.77
N LEU C 248 -39.69 -9.24 5.64
CA LEU C 248 -38.99 -9.73 4.47
C LEU C 248 -39.85 -9.56 3.23
N LYS C 249 -41.18 -9.73 3.38
CA LYS C 249 -42.07 -9.63 2.23
C LYS C 249 -42.16 -8.20 1.71
N SER C 250 -42.44 -7.25 2.62
CA SER C 250 -42.61 -5.85 2.28
C SER C 250 -41.30 -5.17 1.87
N THR C 251 -40.16 -5.60 2.42
CA THR C 251 -38.91 -4.90 2.17
C THR C 251 -38.10 -5.51 1.03
N TYR C 252 -38.16 -6.84 0.85
CA TYR C 252 -37.28 -7.52 -0.11
C TYR C 252 -38.05 -8.30 -1.17
N ILE C 253 -38.90 -9.23 -0.75
CA ILE C 253 -39.44 -10.26 -1.64
C ILE C 253 -40.33 -9.62 -2.72
N ASP C 254 -41.23 -8.71 -2.33
CA ASP C 254 -42.15 -8.10 -3.29
C ASP C 254 -41.50 -6.96 -4.07
N PRO C 255 -40.86 -5.94 -3.42
CA PRO C 255 -40.31 -4.79 -4.14
C PRO C 255 -39.15 -5.04 -5.10
N LEU C 256 -38.25 -5.96 -4.76
CA LEU C 256 -37.01 -6.11 -5.51
C LEU C 256 -37.30 -6.57 -6.94
N PRO C 257 -38.14 -7.61 -7.16
CA PRO C 257 -38.38 -8.09 -8.52
C PRO C 257 -39.08 -7.07 -9.40
N ASP C 258 -39.72 -6.06 -8.79
CA ASP C 258 -40.38 -4.98 -9.52
C ASP C 258 -39.41 -3.88 -9.93
N LEU C 259 -38.14 -3.98 -9.50
CA LEU C 259 -37.14 -2.95 -9.75
C LEU C 259 -36.18 -3.37 -10.85
N ILE C 260 -36.45 -4.51 -11.49
CA ILE C 260 -35.68 -4.96 -12.64
C ILE C 260 -35.76 -3.86 -13.71
N HIS C 261 -34.63 -3.58 -14.35
CA HIS C 261 -34.49 -2.37 -15.14
C HIS C 261 -34.56 -2.71 -16.63
N PRO C 262 -35.37 -1.95 -17.40
CA PRO C 262 -35.56 -2.21 -18.84
C PRO C 262 -34.31 -2.24 -19.71
N ARG C 263 -33.28 -1.47 -19.37
CA ARG C 263 -32.12 -1.39 -20.23
C ARG C 263 -31.13 -2.52 -20.00
N THR C 264 -31.22 -3.18 -18.83
CA THR C 264 -30.20 -4.15 -18.45
C THR C 264 -30.80 -5.52 -18.13
N GLY C 265 -32.07 -5.53 -17.69
CA GLY C 265 -32.70 -6.72 -17.15
C GLY C 265 -32.16 -7.09 -15.77
N ARG C 266 -31.64 -6.08 -15.04
CA ARG C 266 -30.99 -6.31 -13.75
C ARG C 266 -31.49 -5.31 -12.71
N LEU C 267 -31.13 -5.61 -11.46
CA LEU C 267 -31.41 -4.78 -10.30
C LEU C 267 -30.20 -3.89 -10.00
N HIS C 268 -30.47 -2.57 -9.86
CA HIS C 268 -29.43 -1.57 -9.65
C HIS C 268 -29.62 -0.87 -8.30
N THR C 269 -28.49 -0.62 -7.62
CA THR C 269 -28.45 0.05 -6.33
C THR C 269 -27.56 1.27 -6.50
N ARG C 270 -27.52 2.09 -5.44
CA ARG C 270 -26.58 3.19 -5.32
C ARG C 270 -25.61 2.89 -4.19
N PHE C 271 -24.32 3.14 -4.43
CA PHE C 271 -23.27 3.09 -3.44
C PHE C 271 -22.92 4.53 -3.09
N ASN C 272 -23.41 4.97 -1.93
CA ASN C 272 -23.25 6.35 -1.48
C ASN C 272 -21.86 6.49 -0.87
N GLN C 273 -21.07 7.43 -1.39
CA GLN C 273 -19.65 7.47 -1.05
C GLN C 273 -19.35 8.50 0.03
N THR C 274 -20.34 9.35 0.43
CA THR C 274 -20.15 10.35 1.46
C THR C 274 -21.36 10.38 2.39
N ALA C 275 -21.67 9.24 3.00
CA ALA C 275 -22.91 9.08 3.74
C ALA C 275 -22.70 8.66 5.20
N THR C 276 -21.48 8.24 5.61
CA THR C 276 -21.25 7.68 6.94
C THR C 276 -20.17 8.47 7.69
N ALA C 277 -20.19 8.36 9.03
CA ALA C 277 -19.26 9.08 9.90
C ALA C 277 -17.92 8.36 10.04
N THR C 278 -17.84 7.13 9.52
CA THR C 278 -16.67 6.30 9.74
C THR C 278 -15.85 6.08 8.48
N GLY C 279 -16.38 6.42 7.30
CA GLY C 279 -15.66 6.11 6.06
C GLY C 279 -16.21 4.90 5.31
N ARG C 280 -17.24 4.24 5.85
CA ARG C 280 -17.93 3.19 5.12
C ARG C 280 -18.70 3.78 3.95
N LEU C 281 -18.99 2.90 3.00
CA LEU C 281 -20.00 3.17 1.99
C LEU C 281 -21.36 2.93 2.61
N SER C 282 -22.40 3.47 1.99
CA SER C 282 -23.75 3.02 2.24
C SER C 282 -24.36 2.61 0.91
N SER C 283 -25.50 1.92 0.96
CA SER C 283 -26.20 1.47 -0.23
C SER C 283 -27.67 1.83 -0.06
N SER C 284 -28.30 2.29 -1.12
CA SER C 284 -29.70 2.66 -1.03
C SER C 284 -30.41 2.47 -2.37
N ASP C 285 -31.75 2.37 -2.32
CA ASP C 285 -32.61 2.50 -3.50
C ASP C 285 -32.41 1.37 -4.50
N PRO C 286 -32.44 0.07 -4.10
CA PRO C 286 -32.58 -0.39 -2.72
C PRO C 286 -31.26 -0.64 -2.01
N ASN C 287 -31.33 -0.97 -0.71
CA ASN C 287 -30.14 -1.20 0.08
C ASN C 287 -29.68 -2.64 -0.10
N LEU C 288 -28.75 -2.86 -1.04
CA LEU C 288 -28.22 -4.20 -1.30
C LEU C 288 -27.07 -4.58 -0.34
N GLN C 289 -26.92 -3.81 0.75
CA GLN C 289 -26.04 -4.18 1.84
C GLN C 289 -26.86 -4.69 3.03
N SER C 290 -28.15 -4.96 2.81
CA SER C 290 -29.05 -5.36 3.89
C SER C 290 -29.86 -6.60 3.53
N ILE C 291 -29.42 -7.35 2.51
CA ILE C 291 -30.17 -8.51 2.06
C ILE C 291 -30.14 -9.60 3.13
N PRO C 292 -31.30 -10.15 3.56
CA PRO C 292 -31.34 -11.18 4.59
C PRO C 292 -30.42 -12.35 4.29
N VAL C 293 -29.89 -12.96 5.36
CA VAL C 293 -28.91 -14.03 5.26
C VAL C 293 -29.02 -15.00 6.42
N ARG C 294 -29.56 -14.54 7.53
CA ARG C 294 -29.33 -15.11 8.85
C ARG C 294 -30.30 -16.28 9.10
N THR C 295 -31.61 -16.03 8.94
CA THR C 295 -32.66 -17.00 9.22
C THR C 295 -32.89 -17.89 8.02
N PRO C 296 -33.57 -19.05 8.21
CA PRO C 296 -33.94 -19.93 7.10
C PRO C 296 -34.60 -19.23 5.91
N LEU C 297 -35.56 -18.35 6.18
CA LEU C 297 -36.21 -17.60 5.10
C LEU C 297 -35.23 -16.61 4.46
N GLY C 298 -34.35 -16.03 5.31
CA GLY C 298 -33.35 -15.10 4.83
C GLY C 298 -32.45 -15.74 3.78
N GLN C 299 -32.11 -17.02 4.02
CA GLN C 299 -31.21 -17.74 3.13
C GLN C 299 -31.87 -17.97 1.76
N ARG C 300 -33.19 -18.05 1.75
CA ARG C 300 -33.90 -18.31 0.51
C ARG C 300 -33.92 -17.04 -0.35
N ILE C 301 -33.89 -15.87 0.28
CA ILE C 301 -33.81 -14.60 -0.45
C ILE C 301 -32.46 -14.49 -1.16
N ARG C 302 -31.35 -14.87 -0.49
CA ARG C 302 -30.03 -14.83 -1.11
C ARG C 302 -29.96 -15.71 -2.34
N ARG C 303 -30.78 -16.78 -2.35
CA ARG C 303 -30.83 -17.70 -3.46
C ARG C 303 -31.32 -16.98 -4.73
N ALA C 304 -32.06 -15.88 -4.54
CA ALA C 304 -32.66 -15.15 -5.64
C ALA C 304 -31.64 -14.25 -6.35
N PHE C 305 -30.46 -14.05 -5.75
CA PHE C 305 -29.42 -13.26 -6.39
C PHE C 305 -28.51 -14.19 -7.18
N ILE C 306 -28.55 -14.11 -8.50
CA ILE C 306 -27.99 -15.12 -9.39
C ILE C 306 -27.06 -14.45 -10.39
N ALA C 307 -26.27 -15.27 -11.10
CA ALA C 307 -25.38 -14.79 -12.15
C ALA C 307 -26.09 -14.84 -13.51
N GLU C 308 -25.60 -14.01 -14.43
CA GLU C 308 -25.95 -14.10 -15.84
C GLU C 308 -25.69 -15.52 -16.32
N GLU C 309 -26.41 -15.93 -17.38
CA GLU C 309 -26.28 -17.26 -17.93
C GLU C 309 -24.87 -17.39 -18.50
N GLY C 310 -24.16 -18.43 -18.05
CA GLY C 310 -22.79 -18.67 -18.47
C GLY C 310 -21.78 -18.11 -17.47
N TRP C 311 -22.26 -17.46 -16.40
CA TRP C 311 -21.40 -16.81 -15.42
C TRP C 311 -21.60 -17.42 -14.04
N LEU C 312 -20.67 -17.10 -13.14
CA LEU C 312 -20.77 -17.45 -11.72
C LEU C 312 -20.50 -16.21 -10.87
N LEU C 313 -21.13 -16.19 -9.69
CA LEU C 313 -20.82 -15.24 -8.64
C LEU C 313 -19.59 -15.71 -7.87
N VAL C 314 -18.70 -14.75 -7.52
CA VAL C 314 -17.61 -14.98 -6.60
C VAL C 314 -17.79 -14.06 -5.40
N ALA C 315 -17.94 -14.64 -4.21
CA ALA C 315 -18.11 -13.89 -2.98
C ALA C 315 -16.86 -14.03 -2.10
N LEU C 316 -16.29 -12.89 -1.68
CA LEU C 316 -15.12 -12.83 -0.82
C LEU C 316 -15.42 -11.94 0.39
N ASP C 317 -15.27 -12.48 1.61
CA ASP C 317 -15.65 -11.82 2.86
C ASP C 317 -14.45 -11.89 3.80
N TYR C 318 -13.89 -10.74 4.21
CA TYR C 318 -12.86 -10.72 5.25
C TYR C 318 -13.38 -11.43 6.52
N SER C 319 -12.54 -12.42 6.90
CA SER C 319 -12.76 -13.20 8.11
C SER C 319 -12.40 -12.35 9.33
N GLN C 320 -13.34 -12.30 10.29
CA GLN C 320 -13.24 -11.59 11.55
C GLN C 320 -12.51 -10.26 11.34
N GLU C 321 -12.85 -9.55 10.26
CA GLU C 321 -12.05 -8.43 9.77
C GLU C 321 -11.85 -7.34 10.82
N GLY C 322 -12.88 -6.97 11.58
CA GLY C 322 -12.78 -5.86 12.51
C GLY C 322 -11.87 -6.16 13.68
N LEU C 323 -11.88 -7.44 14.09
CA LEU C 323 -11.05 -7.96 15.16
C LEU C 323 -9.59 -8.05 14.70
N ARG C 324 -9.33 -8.39 13.43
CA ARG C 324 -7.98 -8.37 12.90
C ARG C 324 -7.45 -6.93 12.87
N VAL C 325 -8.32 -5.98 12.53
CA VAL C 325 -7.93 -4.59 12.47
C VAL C 325 -7.60 -4.09 13.87
N LEU C 326 -8.37 -4.52 14.86
CA LEU C 326 -8.13 -4.13 16.23
C LEU C 326 -6.80 -4.69 16.73
N ALA C 327 -6.52 -5.95 16.40
CA ALA C 327 -5.27 -6.58 16.80
C ALA C 327 -4.08 -5.75 16.31
N HIS C 328 -4.15 -5.28 15.06
CA HIS C 328 -3.12 -4.40 14.51
C HIS C 328 -3.07 -3.05 15.22
N LEU C 329 -4.21 -2.38 15.37
CA LEU C 329 -4.23 -1.06 15.97
C LEU C 329 -3.70 -1.11 17.41
N SER C 330 -4.09 -2.15 18.15
CA SER C 330 -3.79 -2.24 19.57
C SER C 330 -2.43 -2.90 19.83
N GLY C 331 -1.98 -3.72 18.88
CA GLY C 331 -0.80 -4.57 19.05
C GLY C 331 -0.99 -5.68 20.08
N ASP C 332 -2.24 -6.01 20.42
CA ASP C 332 -2.49 -6.98 21.47
C ASP C 332 -2.09 -8.37 21.00
N GLU C 333 -1.07 -8.96 21.62
CA GLU C 333 -0.48 -10.15 21.02
C GLU C 333 -1.30 -11.39 21.39
N ASN C 334 -2.20 -11.29 22.38
CA ASN C 334 -3.12 -12.39 22.65
C ASN C 334 -4.15 -12.43 21.53
N LEU C 335 -4.56 -11.24 21.06
CA LEU C 335 -5.52 -11.15 19.97
C LEU C 335 -4.84 -11.56 18.66
N ILE C 336 -3.58 -11.14 18.46
CA ILE C 336 -2.81 -11.58 17.30
C ILE C 336 -2.70 -13.10 17.29
N ARG C 337 -2.59 -13.70 18.47
CA ARG C 337 -2.41 -15.14 18.62
C ARG C 337 -3.65 -15.92 18.19
N VAL C 338 -4.83 -15.41 18.52
CA VAL C 338 -6.09 -16.00 18.06
C VAL C 338 -6.00 -16.38 16.58
N PHE C 339 -5.54 -15.42 15.75
CA PHE C 339 -5.53 -15.59 14.30
C PHE C 339 -4.40 -16.52 13.85
N GLN C 340 -3.20 -16.37 14.42
CA GLN C 340 -2.08 -17.24 14.10
C GLN C 340 -2.42 -18.71 14.39
N GLU C 341 -3.31 -18.98 15.36
CA GLU C 341 -3.74 -20.34 15.68
C GLU C 341 -4.97 -20.76 14.88
N GLY C 342 -5.52 -19.90 14.03
CA GLY C 342 -6.70 -20.22 13.25
C GLY C 342 -7.94 -20.43 14.13
N ARG C 343 -8.01 -19.75 15.27
CA ARG C 343 -9.22 -19.75 16.09
C ARG C 343 -10.23 -18.73 15.56
N ASP C 344 -11.49 -19.00 15.91
CA ASP C 344 -12.62 -18.14 15.58
C ASP C 344 -13.37 -17.87 16.87
N ILE C 345 -13.31 -16.63 17.38
CA ILE C 345 -13.89 -16.30 18.67
C ILE C 345 -15.41 -16.15 18.56
N HIS C 346 -15.92 -15.90 17.36
CA HIS C 346 -17.36 -15.91 17.19
C HIS C 346 -17.90 -17.32 17.43
N THR C 347 -17.25 -18.34 16.82
CA THR C 347 -17.59 -19.74 17.06
C THR C 347 -17.40 -20.10 18.54
N GLU C 348 -16.27 -19.70 19.12
CA GLU C 348 -16.00 -20.04 20.51
C GLU C 348 -17.09 -19.49 21.41
N THR C 349 -17.50 -18.23 21.19
CA THR C 349 -18.53 -17.64 22.03
C THR C 349 -19.87 -18.36 21.81
N ALA C 350 -20.20 -18.65 20.56
CA ALA C 350 -21.49 -19.26 20.23
C ALA C 350 -21.62 -20.64 20.89
N SER C 351 -20.55 -21.44 20.79
CA SER C 351 -20.49 -22.76 21.41
C SER C 351 -20.86 -22.70 22.90
N TRP C 352 -20.26 -21.77 23.66
CA TRP C 352 -20.58 -21.70 25.07
C TRP C 352 -21.97 -21.11 25.27
N MET C 353 -22.39 -20.14 24.45
CA MET C 353 -23.68 -19.49 24.63
C MET C 353 -24.82 -20.50 24.50
N PHE C 354 -24.74 -21.33 23.44
CA PHE C 354 -25.84 -22.20 23.06
C PHE C 354 -25.61 -23.63 23.54
N GLY C 355 -24.37 -23.94 23.97
CA GLY C 355 -24.06 -25.23 24.57
C GLY C 355 -24.11 -26.32 23.52
N VAL C 356 -23.33 -26.14 22.46
CA VAL C 356 -23.27 -27.03 21.32
C VAL C 356 -21.84 -26.98 20.79
N PRO C 357 -21.37 -28.04 20.10
CA PRO C 357 -20.06 -28.03 19.47
C PRO C 357 -19.92 -26.94 18.40
N ARG C 358 -18.67 -26.67 18.00
CA ARG C 358 -18.31 -25.74 16.94
C ARG C 358 -19.14 -26.00 15.68
N GLU C 359 -19.23 -27.27 15.27
CA GLU C 359 -19.80 -27.65 13.99
C GLU C 359 -21.31 -27.43 13.96
N ALA C 360 -21.95 -27.45 15.13
CA ALA C 360 -23.39 -27.25 15.25
C ALA C 360 -23.75 -25.78 15.44
N VAL C 361 -22.78 -24.86 15.26
CA VAL C 361 -23.07 -23.44 15.34
C VAL C 361 -23.74 -23.02 14.03
N ASN C 362 -25.02 -22.59 14.11
CA ASN C 362 -25.78 -22.18 12.94
C ASN C 362 -25.63 -20.65 12.80
N PRO C 363 -25.94 -20.07 11.61
CA PRO C 363 -25.72 -18.63 11.38
C PRO C 363 -26.46 -17.69 12.33
N LEU C 364 -27.62 -18.14 12.82
CA LEU C 364 -28.34 -17.37 13.82
C LEU C 364 -27.46 -17.24 15.06
N MET C 365 -26.80 -18.35 15.42
CA MET C 365 -26.01 -18.46 16.63
C MET C 365 -24.76 -17.61 16.50
N ARG C 366 -24.11 -17.70 15.34
CA ARG C 366 -22.91 -16.93 15.08
C ARG C 366 -23.22 -15.43 15.21
N ARG C 367 -24.30 -14.99 14.58
CA ARG C 367 -24.71 -13.59 14.61
C ARG C 367 -24.96 -13.16 16.06
N ALA C 368 -25.58 -14.06 16.84
CA ALA C 368 -25.86 -13.74 18.24
C ALA C 368 -24.56 -13.61 19.05
N ALA C 369 -23.55 -14.42 18.67
CA ALA C 369 -22.24 -14.38 19.29
C ALA C 369 -21.49 -13.11 18.89
N LYS C 370 -21.63 -12.67 17.63
CA LYS C 370 -21.03 -11.43 17.17
C LYS C 370 -21.53 -10.27 18.02
N THR C 371 -22.83 -10.28 18.34
CA THR C 371 -23.41 -9.20 19.14
C THR C 371 -22.78 -9.14 20.54
N ILE C 372 -22.50 -10.30 21.15
CA ILE C 372 -21.81 -10.34 22.44
C ILE C 372 -20.35 -9.88 22.28
N ASN C 373 -19.61 -10.44 21.32
CA ASN C 373 -18.18 -10.19 21.19
C ASN C 373 -17.92 -8.70 20.89
N PHE C 374 -18.65 -8.13 19.93
CA PHE C 374 -18.52 -6.73 19.55
C PHE C 374 -19.17 -5.85 20.61
N GLY C 375 -20.28 -6.32 21.18
CA GLY C 375 -20.98 -5.60 22.22
C GLY C 375 -20.05 -5.26 23.38
N VAL C 376 -19.45 -6.30 23.98
CA VAL C 376 -18.58 -6.11 25.12
C VAL C 376 -17.41 -5.19 24.75
N LEU C 377 -16.77 -5.45 23.61
CA LEU C 377 -15.66 -4.64 23.16
C LEU C 377 -16.05 -3.16 23.05
N TYR C 378 -17.21 -2.86 22.45
CA TYR C 378 -17.58 -1.48 22.15
C TYR C 378 -18.45 -0.87 23.25
N GLY C 379 -18.52 -1.49 24.43
CA GLY C 379 -18.91 -0.79 25.66
C GLY C 379 -20.35 -1.04 26.10
N MET C 380 -20.92 -2.18 25.70
CA MET C 380 -22.21 -2.61 26.17
C MET C 380 -22.19 -2.74 27.69
N SER C 381 -23.24 -2.21 28.33
CA SER C 381 -23.38 -2.23 29.78
C SER C 381 -23.59 -3.66 30.28
N ALA C 382 -23.24 -3.89 31.57
CA ALA C 382 -23.47 -5.17 32.24
C ALA C 382 -24.96 -5.51 32.28
N HIS C 383 -25.79 -4.51 32.60
CA HIS C 383 -27.24 -4.67 32.60
C HIS C 383 -27.66 -5.37 31.31
N ARG C 384 -27.34 -4.77 30.15
CA ARG C 384 -27.82 -5.26 28.86
C ARG C 384 -27.22 -6.63 28.56
N LEU C 385 -25.98 -6.83 28.99
CA LEU C 385 -25.28 -8.08 28.70
C LEU C 385 -25.86 -9.23 29.55
N SER C 386 -26.30 -8.91 30.78
CA SER C 386 -26.97 -9.89 31.63
C SER C 386 -28.28 -10.36 31.01
N GLN C 387 -29.04 -9.42 30.40
CA GLN C 387 -30.29 -9.78 29.74
C GLN C 387 -30.04 -10.64 28.52
N LYS C 388 -28.92 -10.39 27.82
CA LYS C 388 -28.68 -10.99 26.51
C LYS C 388 -28.05 -12.38 26.67
N LEU C 389 -27.36 -12.60 27.80
CA LEU C 389 -26.78 -13.90 28.12
C LEU C 389 -27.63 -14.63 29.18
N ALA C 390 -28.62 -13.92 29.76
CA ALA C 390 -29.48 -14.47 30.81
C ALA C 390 -28.63 -14.95 31.97
N ILE C 391 -27.85 -14.02 32.56
CA ILE C 391 -27.00 -14.31 33.70
C ILE C 391 -27.17 -13.17 34.70
N PRO C 392 -26.80 -13.36 35.98
CA PRO C 392 -26.85 -12.26 36.94
C PRO C 392 -25.94 -11.09 36.57
N TYR C 393 -26.35 -9.91 37.00
CA TYR C 393 -25.63 -8.67 36.79
C TYR C 393 -24.14 -8.86 37.06
N GLU C 394 -23.80 -9.37 38.26
CA GLU C 394 -22.42 -9.41 38.74
C GLU C 394 -21.56 -10.28 37.83
N GLU C 395 -22.19 -11.30 37.25
CA GLU C 395 -21.50 -12.26 36.39
C GLU C 395 -21.25 -11.65 35.01
N ALA C 396 -22.10 -10.69 34.64
CA ALA C 396 -21.93 -9.92 33.42
C ALA C 396 -20.78 -8.92 33.57
N GLN C 397 -20.75 -8.24 34.73
N GLN C 397 -20.72 -8.23 34.72
CA GLN C 397 -19.66 -7.34 35.12
CA GLN C 397 -19.63 -7.31 34.94
C GLN C 397 -18.33 -8.07 35.03
C GLN C 397 -18.31 -8.07 35.02
N ALA C 398 -18.33 -9.30 35.53
CA ALA C 398 -17.15 -10.14 35.58
C ALA C 398 -16.72 -10.55 34.17
N PHE C 399 -17.71 -10.86 33.33
CA PHE C 399 -17.47 -11.22 31.95
C PHE C 399 -16.71 -10.11 31.22
N ILE C 400 -17.21 -8.89 31.36
CA ILE C 400 -16.61 -7.69 30.80
C ILE C 400 -15.15 -7.57 31.27
N GLU C 401 -14.91 -7.70 32.56
CA GLU C 401 -13.55 -7.49 33.11
C GLU C 401 -12.60 -8.61 32.68
N ARG C 402 -13.10 -9.82 32.49
CA ARG C 402 -12.27 -10.95 32.03
C ARG C 402 -11.82 -10.73 30.59
N TYR C 403 -12.67 -10.13 29.76
CA TYR C 403 -12.32 -9.86 28.35
C TYR C 403 -11.13 -8.90 28.31
N PHE C 404 -11.22 -7.83 29.08
CA PHE C 404 -10.15 -6.84 29.05
C PHE C 404 -8.90 -7.26 29.83
N GLN C 405 -9.04 -8.26 30.72
N GLN C 405 -9.04 -8.25 30.71
CA GLN C 405 -7.94 -8.92 31.40
CA GLN C 405 -7.90 -8.86 31.38
C GLN C 405 -7.20 -9.82 30.42
C GLN C 405 -7.19 -9.81 30.41
N SER C 406 -7.97 -10.51 29.56
CA SER C 406 -7.41 -11.35 28.51
C SER C 406 -6.68 -10.51 27.45
N PHE C 407 -7.17 -9.28 27.16
CA PHE C 407 -6.69 -8.43 26.08
C PHE C 407 -6.31 -7.06 26.63
N PRO C 408 -5.25 -6.97 27.47
CA PRO C 408 -4.91 -5.73 28.15
C PRO C 408 -4.40 -4.62 27.23
N LYS C 409 -3.85 -4.97 26.07
CA LYS C 409 -3.41 -3.92 25.17
C LYS C 409 -4.59 -3.33 24.41
N VAL C 410 -5.74 -4.05 24.38
CA VAL C 410 -6.95 -3.48 23.80
C VAL C 410 -7.44 -2.34 24.68
N ARG C 411 -7.49 -2.61 25.99
CA ARG C 411 -7.92 -1.61 26.96
CA ARG C 411 -7.89 -1.63 26.99
C ARG C 411 -6.98 -0.41 26.86
N ALA C 412 -5.66 -0.65 26.78
CA ALA C 412 -4.66 0.42 26.73
C ALA C 412 -4.87 1.25 25.47
N TRP C 413 -5.23 0.56 24.37
CA TRP C 413 -5.48 1.20 23.09
C TRP C 413 -6.72 2.09 23.15
N ILE C 414 -7.78 1.60 23.79
CA ILE C 414 -8.98 2.40 23.94
C ILE C 414 -8.64 3.69 24.69
N GLU C 415 -7.86 3.56 25.78
CA GLU C 415 -7.53 4.68 26.63
C GLU C 415 -6.67 5.69 25.88
N LYS C 416 -5.70 5.21 25.09
CA LYS C 416 -4.86 6.11 24.32
C LYS C 416 -5.69 6.87 23.29
N THR C 417 -6.59 6.15 22.61
CA THR C 417 -7.47 6.69 21.59
C THR C 417 -8.34 7.81 22.16
N LEU C 418 -8.94 7.55 23.32
CA LEU C 418 -9.80 8.53 23.97
C LEU C 418 -9.00 9.74 24.47
N GLU C 419 -7.81 9.51 25.03
CA GLU C 419 -6.99 10.58 25.61
C GLU C 419 -6.59 11.57 24.50
N GLU C 420 -6.13 11.05 23.36
CA GLU C 420 -5.80 11.84 22.18
C GLU C 420 -7.05 12.50 21.59
N GLY C 421 -8.16 11.76 21.50
CA GLY C 421 -9.42 12.32 21.01
C GLY C 421 -9.91 13.48 21.86
N ARG C 422 -9.63 13.39 23.16
CA ARG C 422 -9.94 14.45 24.11
C ARG C 422 -9.14 15.72 23.79
N ARG C 423 -7.85 15.57 23.46
CA ARG C 423 -6.97 16.73 23.22
C ARG C 423 -7.18 17.31 21.81
N ARG C 424 -7.39 16.47 20.79
CA ARG C 424 -7.50 16.93 19.42
C ARG C 424 -8.94 17.27 19.00
N GLY C 425 -9.91 16.57 19.60
CA GLY C 425 -11.32 16.71 19.27
C GLY C 425 -11.73 15.81 18.10
N TYR C 426 -10.79 14.96 17.67
CA TYR C 426 -11.05 14.00 16.62
C TYR C 426 -10.26 12.72 16.87
N VAL C 427 -10.72 11.65 16.19
CA VAL C 427 -10.04 10.36 16.18
C VAL C 427 -9.77 10.04 14.72
N GLU C 428 -8.93 9.03 14.43
CA GLU C 428 -8.59 8.82 13.04
C GLU C 428 -8.20 7.37 12.79
N THR C 429 -8.27 7.00 11.52
CA THR C 429 -7.96 5.66 11.07
C THR C 429 -6.45 5.55 10.82
N LEU C 430 -6.03 4.35 10.45
CA LEU C 430 -4.65 4.03 10.18
C LEU C 430 -4.09 4.90 9.05
N PHE C 431 -4.96 5.30 8.10
CA PHE C 431 -4.55 6.11 6.98
C PHE C 431 -4.85 7.59 7.23
N GLY C 432 -5.39 7.93 8.39
CA GLY C 432 -5.51 9.32 8.78
C GLY C 432 -6.88 9.88 8.45
N ARG C 433 -7.83 9.04 8.01
CA ARG C 433 -9.22 9.48 7.91
C ARG C 433 -9.70 9.88 9.31
N ARG C 434 -10.50 10.94 9.38
CA ARG C 434 -10.73 11.63 10.65
C ARG C 434 -12.24 11.76 10.92
N ARG C 435 -12.62 11.60 12.18
CA ARG C 435 -13.98 11.89 12.62
C ARG C 435 -13.91 12.78 13.86
N TYR C 436 -14.55 13.97 13.77
CA TYR C 436 -14.72 14.87 14.90
C TYR C 436 -15.77 14.33 15.86
N VAL C 437 -15.38 14.18 17.12
CA VAL C 437 -16.27 13.65 18.12
C VAL C 437 -16.34 14.64 19.28
N PRO C 438 -17.42 15.44 19.35
CA PRO C 438 -17.64 16.32 20.48
C PRO C 438 -18.12 15.51 21.68
N ASP C 439 -18.13 16.14 22.85
CA ASP C 439 -18.72 15.54 24.08
C ASP C 439 -17.80 14.50 24.70
N LEU C 440 -16.53 14.46 24.31
CA LEU C 440 -15.63 13.53 24.99
C LEU C 440 -15.34 13.97 26.44
N GLU C 441 -15.57 15.25 26.74
CA GLU C 441 -15.37 15.79 28.07
C GLU C 441 -16.69 16.32 28.66
N ALA C 442 -17.83 15.86 28.15
CA ALA C 442 -19.13 16.28 28.65
C ALA C 442 -19.25 15.94 30.14
N ARG C 443 -20.09 16.73 30.84
CA ARG C 443 -20.21 16.66 32.30
C ARG C 443 -21.12 15.48 32.66
N VAL C 444 -22.24 15.34 31.96
CA VAL C 444 -23.15 14.20 32.12
C VAL C 444 -22.43 12.93 31.68
N LYS C 445 -22.33 11.95 32.59
CA LYS C 445 -21.56 10.72 32.38
C LYS C 445 -22.03 9.98 31.13
N SER C 446 -23.34 9.80 31.00
CA SER C 446 -23.94 8.99 29.95
C SER C 446 -23.68 9.59 28.57
N VAL C 447 -23.63 10.93 28.49
CA VAL C 447 -23.38 11.63 27.23
C VAL C 447 -21.89 11.54 26.87
N ARG C 448 -21.02 11.62 27.89
CA ARG C 448 -19.58 11.46 27.69
C ARG C 448 -19.28 10.04 27.19
N GLN C 449 -19.88 9.04 27.84
CA GLN C 449 -19.55 7.64 27.61
C GLN C 449 -20.02 7.23 26.22
N ALA C 450 -21.16 7.78 25.81
CA ALA C 450 -21.68 7.56 24.47
C ALA C 450 -20.68 8.06 23.44
N ALA C 451 -20.20 9.30 23.64
CA ALA C 451 -19.25 9.94 22.76
C ALA C 451 -18.00 9.09 22.63
N GLU C 452 -17.53 8.58 23.78
CA GLU C 452 -16.39 7.68 23.86
C GLU C 452 -16.57 6.46 22.97
N ARG C 453 -17.75 5.81 23.04
CA ARG C 453 -18.00 4.58 22.29
C ARG C 453 -17.94 4.85 20.79
N ARG C 454 -18.53 6.00 20.37
CA ARG C 454 -18.46 6.45 18.99
C ARG C 454 -17.00 6.66 18.57
N ALA C 455 -16.19 7.21 19.49
CA ALA C 455 -14.84 7.63 19.18
C ALA C 455 -13.87 6.45 19.03
N PHE C 456 -13.90 5.47 19.95
CA PHE C 456 -12.91 4.39 19.85
C PHE C 456 -13.39 3.31 18.88
N ASN C 457 -14.66 3.33 18.49
CA ASN C 457 -15.14 2.43 17.45
C ASN C 457 -14.60 2.87 16.09
N MET C 458 -14.50 4.19 15.86
CA MET C 458 -14.36 4.69 14.50
C MET C 458 -13.06 4.20 13.87
N PRO C 459 -11.89 4.30 14.56
CA PRO C 459 -10.63 3.90 13.96
C PRO C 459 -10.64 2.46 13.46
N VAL C 460 -11.42 1.59 14.12
CA VAL C 460 -11.51 0.20 13.74
C VAL C 460 -12.41 0.08 12.50
N GLN C 461 -13.64 0.59 12.61
CA GLN C 461 -14.61 0.51 11.53
C GLN C 461 -14.08 1.22 10.28
N GLY C 462 -13.44 2.37 10.49
CA GLY C 462 -12.88 3.18 9.42
C GLY C 462 -11.62 2.60 8.78
N THR C 463 -10.72 2.04 9.60
CA THR C 463 -9.53 1.39 9.04
C THR C 463 -9.95 0.24 8.13
N ALA C 464 -10.93 -0.55 8.58
CA ALA C 464 -11.47 -1.66 7.80
C ALA C 464 -12.06 -1.18 6.49
N ALA C 465 -12.79 -0.06 6.52
CA ALA C 465 -13.38 0.52 5.31
C ALA C 465 -12.28 1.00 4.36
N ASP C 466 -11.26 1.67 4.90
CA ASP C 466 -10.14 2.15 4.12
C ASP C 466 -9.45 0.99 3.40
N LEU C 467 -9.25 -0.14 4.10
CA LEU C 467 -8.56 -1.30 3.56
C LEU C 467 -9.38 -1.94 2.44
N MET C 468 -10.70 -2.01 2.63
CA MET C 468 -11.58 -2.56 1.60
C MET C 468 -11.54 -1.68 0.35
N LYS C 469 -11.62 -0.36 0.52
CA LYS C 469 -11.64 0.59 -0.58
C LYS C 469 -10.34 0.52 -1.41
N LEU C 470 -9.23 0.29 -0.73
CA LEU C 470 -7.94 0.18 -1.38
C LEU C 470 -7.86 -1.13 -2.18
N ALA C 471 -8.45 -2.20 -1.62
CA ALA C 471 -8.60 -3.47 -2.30
C ALA C 471 -9.44 -3.32 -3.59
N MET C 472 -10.56 -2.59 -3.50
CA MET C 472 -11.42 -2.38 -4.65
C MET C 472 -10.70 -1.61 -5.75
N VAL C 473 -10.02 -0.51 -5.40
CA VAL C 473 -9.32 0.35 -6.34
C VAL C 473 -8.21 -0.44 -7.06
N LYS C 474 -7.58 -1.33 -6.31
CA LYS C 474 -6.50 -2.17 -6.81
C LYS C 474 -7.03 -3.33 -7.66
N LEU C 475 -8.11 -3.96 -7.22
CA LEU C 475 -8.69 -5.12 -7.89
C LEU C 475 -9.45 -4.74 -9.16
N PHE C 476 -10.21 -3.65 -9.15
CA PHE C 476 -11.16 -3.42 -10.22
C PHE C 476 -10.50 -3.46 -11.61
N PRO C 477 -9.40 -2.72 -11.86
CA PRO C 477 -8.80 -2.67 -13.20
C PRO C 477 -8.37 -4.04 -13.72
N ARG C 478 -7.94 -4.93 -12.81
CA ARG C 478 -7.52 -6.28 -13.11
C ARG C 478 -8.70 -7.19 -13.47
N LEU C 479 -9.89 -6.91 -12.91
CA LEU C 479 -11.08 -7.69 -13.24
C LEU C 479 -11.47 -7.44 -14.70
N GLU C 480 -11.41 -6.17 -15.14
CA GLU C 480 -11.82 -5.83 -16.50
C GLU C 480 -10.98 -6.57 -17.55
N GLU C 481 -9.68 -6.69 -17.31
CA GLU C 481 -8.77 -7.39 -18.18
C GLU C 481 -9.18 -8.86 -18.35
N MET C 482 -9.90 -9.40 -17.36
CA MET C 482 -10.23 -10.81 -17.30
C MET C 482 -11.70 -11.05 -17.69
N GLY C 483 -12.38 -10.00 -18.18
CA GLY C 483 -13.80 -10.08 -18.51
C GLY C 483 -14.69 -10.39 -17.29
N ALA C 484 -14.34 -9.83 -16.13
CA ALA C 484 -15.10 -10.04 -14.90
C ALA C 484 -15.66 -8.71 -14.42
N ARG C 485 -16.63 -8.81 -13.50
CA ARG C 485 -17.36 -7.64 -13.03
C ARG C 485 -17.35 -7.63 -11.51
N MET C 486 -17.44 -6.42 -10.97
CA MET C 486 -17.65 -6.18 -9.55
C MET C 486 -19.09 -5.74 -9.37
N LEU C 487 -19.88 -6.49 -8.60
CA LEU C 487 -21.30 -6.20 -8.47
C LEU C 487 -21.61 -5.46 -7.16
N LEU C 488 -21.10 -5.98 -6.04
CA LEU C 488 -21.49 -5.49 -4.72
C LEU C 488 -20.30 -5.43 -3.77
N GLN C 489 -20.40 -4.46 -2.84
CA GLN C 489 -19.60 -4.41 -1.63
C GLN C 489 -20.58 -4.42 -0.47
N VAL C 490 -20.30 -5.25 0.54
CA VAL C 490 -21.10 -5.29 1.75
C VAL C 490 -20.14 -5.21 2.94
N HIS C 491 -19.44 -4.08 2.93
CA HIS C 491 -18.52 -3.64 3.97
C HIS C 491 -17.22 -4.44 3.93
N ASP C 492 -17.20 -5.64 4.49
CA ASP C 492 -16.01 -6.47 4.45
C ASP C 492 -16.15 -7.56 3.39
N GLU C 493 -17.13 -7.42 2.48
CA GLU C 493 -17.45 -8.44 1.49
C GLU C 493 -17.52 -7.81 0.10
N LEU C 494 -16.98 -8.53 -0.90
CA LEU C 494 -17.07 -8.22 -2.31
C LEU C 494 -17.79 -9.36 -3.03
N VAL C 495 -18.74 -9.00 -3.91
CA VAL C 495 -19.40 -9.95 -4.80
C VAL C 495 -19.02 -9.58 -6.24
N LEU C 496 -18.43 -10.56 -6.93
CA LEU C 496 -18.00 -10.40 -8.31
C LEU C 496 -18.81 -11.32 -9.21
N GLU C 497 -18.77 -11.06 -10.52
CA GLU C 497 -19.37 -11.93 -11.51
C GLU C 497 -18.33 -12.21 -12.59
N ALA C 498 -18.16 -13.50 -12.93
CA ALA C 498 -17.16 -13.89 -13.91
C ALA C 498 -17.71 -14.99 -14.81
N PRO C 499 -17.26 -15.10 -16.07
CA PRO C 499 -17.59 -16.25 -16.92
C PRO C 499 -17.15 -17.54 -16.20
N LYS C 500 -18.01 -18.59 -16.24
CA LYS C 500 -17.77 -19.86 -15.56
C LYS C 500 -16.36 -20.37 -15.80
N GLU C 501 -15.78 -20.11 -16.98
CA GLU C 501 -14.43 -20.58 -17.30
C GLU C 501 -13.39 -19.83 -16.48
N ARG C 502 -13.59 -18.51 -16.29
CA ARG C 502 -12.61 -17.65 -15.66
C ARG C 502 -12.82 -17.52 -14.15
N ALA C 503 -13.82 -18.21 -13.59
CA ALA C 503 -14.26 -17.93 -12.23
C ALA C 503 -13.23 -18.36 -11.17
N GLU C 504 -12.49 -19.43 -11.46
CA GLU C 504 -11.49 -19.95 -10.53
C GLU C 504 -10.32 -18.97 -10.42
N ALA C 505 -9.90 -18.46 -11.58
CA ALA C 505 -8.79 -17.53 -11.71
C ALA C 505 -9.14 -16.16 -11.12
N VAL C 506 -10.41 -15.75 -11.29
CA VAL C 506 -10.91 -14.47 -10.78
C VAL C 506 -10.93 -14.58 -9.25
N ALA C 507 -11.35 -15.74 -8.74
CA ALA C 507 -11.38 -15.92 -7.29
C ALA C 507 -9.97 -15.81 -6.71
N ARG C 508 -8.99 -16.45 -7.36
CA ARG C 508 -7.61 -16.52 -6.88
C ARG C 508 -6.98 -15.12 -6.88
N LEU C 509 -7.14 -14.37 -7.96
CA LEU C 509 -6.63 -13.01 -8.04
C LEU C 509 -7.27 -12.11 -6.98
N ALA C 510 -8.60 -12.19 -6.80
CA ALA C 510 -9.29 -11.34 -5.86
C ALA C 510 -8.83 -11.61 -4.43
N LYS C 511 -8.70 -12.88 -4.07
CA LYS C 511 -8.13 -13.33 -2.80
C LYS C 511 -6.73 -12.74 -2.57
N GLU C 512 -5.81 -12.90 -3.52
CA GLU C 512 -4.46 -12.36 -3.40
C GLU C 512 -4.52 -10.85 -3.11
N VAL C 513 -5.24 -10.10 -3.95
CA VAL C 513 -5.27 -8.64 -3.86
C VAL C 513 -5.83 -8.22 -2.51
N MET C 514 -6.90 -8.88 -2.06
CA MET C 514 -7.60 -8.45 -0.87
C MET C 514 -6.78 -8.71 0.40
N GLU C 515 -5.90 -9.70 0.35
CA GLU C 515 -5.13 -10.13 1.53
C GLU C 515 -3.76 -9.44 1.58
N GLY C 516 -3.33 -8.84 0.47
CA GLY C 516 -2.01 -8.23 0.39
C GLY C 516 -2.05 -6.70 0.36
N VAL C 517 -3.11 -6.08 0.93
CA VAL C 517 -3.34 -4.65 0.72
C VAL C 517 -2.42 -3.82 1.61
N TYR C 518 -2.04 -4.32 2.79
CA TYR C 518 -1.27 -3.51 3.73
C TYR C 518 -0.49 -4.39 4.70
N PRO C 519 0.72 -3.97 5.10
CA PRO C 519 1.52 -4.70 6.07
C PRO C 519 1.03 -4.61 7.51
N LEU C 520 0.01 -5.42 7.81
CA LEU C 520 -0.55 -5.45 9.14
C LEU C 520 0.23 -6.42 10.02
N ALA C 521 0.04 -6.29 11.34
CA ALA C 521 0.67 -7.16 12.32
C ALA C 521 -0.11 -8.47 12.40
N VAL C 522 -1.29 -8.50 11.76
CA VAL C 522 -2.12 -9.69 11.64
C VAL C 522 -2.36 -9.98 10.15
N PRO C 523 -2.31 -11.23 9.68
CA PRO C 523 -2.61 -11.50 8.28
C PRO C 523 -4.11 -11.30 8.05
N LEU C 524 -4.45 -10.70 6.91
CA LEU C 524 -5.80 -10.64 6.41
C LEU C 524 -6.13 -11.93 5.66
N GLU C 525 -7.23 -12.58 6.04
N GLU C 525 -7.22 -12.59 6.04
CA GLU C 525 -7.69 -13.81 5.42
CA GLU C 525 -7.66 -13.81 5.40
C GLU C 525 -9.06 -13.56 4.80
C GLU C 525 -9.05 -13.57 4.80
N VAL C 526 -9.24 -14.06 3.58
CA VAL C 526 -10.47 -13.93 2.82
C VAL C 526 -11.10 -15.32 2.60
N GLU C 527 -12.37 -15.45 3.03
CA GLU C 527 -13.22 -16.59 2.72
C GLU C 527 -13.80 -16.41 1.31
N VAL C 528 -13.38 -17.24 0.36
CA VAL C 528 -13.87 -17.24 -1.02
C VAL C 528 -14.91 -18.35 -1.24
N GLY C 529 -15.93 -18.05 -2.08
CA GLY C 529 -16.87 -19.04 -2.59
C GLY C 529 -17.32 -18.72 -4.03
N ILE C 530 -17.59 -19.77 -4.81
CA ILE C 530 -18.10 -19.63 -6.17
C ILE C 530 -19.45 -20.35 -6.24
N GLY C 531 -20.41 -19.77 -6.97
CA GLY C 531 -21.73 -20.35 -7.05
C GLY C 531 -22.62 -19.64 -8.08
N GLU C 532 -23.75 -20.27 -8.41
CA GLU C 532 -24.69 -19.73 -9.38
C GLU C 532 -25.55 -18.66 -8.73
N ASP C 533 -25.64 -18.70 -7.41
CA ASP C 533 -26.41 -17.73 -6.65
C ASP C 533 -25.62 -17.36 -5.41
N TRP C 534 -26.12 -16.34 -4.70
CA TRP C 534 -25.36 -15.68 -3.65
C TRP C 534 -25.27 -16.57 -2.41
N LEU C 535 -26.30 -17.41 -2.19
CA LEU C 535 -26.25 -18.31 -1.04
C LEU C 535 -25.17 -19.37 -1.29
N SER C 536 -25.18 -19.98 -2.48
CA SER C 536 -24.28 -21.10 -2.72
C SER C 536 -22.83 -20.61 -2.84
N ALA C 537 -22.64 -19.34 -3.24
CA ALA C 537 -21.30 -18.76 -3.29
C ALA C 537 -20.70 -18.51 -1.91
N LYS C 538 -21.40 -18.85 -0.81
CA LYS C 538 -20.88 -18.62 0.54
C LYS C 538 -20.98 -19.89 1.40
N GLU C 539 -21.18 -21.07 0.80
CA GLU C 539 -21.43 -22.28 1.57
C GLU C 539 -20.13 -22.85 2.15
N1 DOC D 12 24.21 7.25 -3.34
C2 DOC D 12 24.50 6.96 -2.02
N3 DOC D 12 25.55 7.55 -1.42
C4 DOC D 12 26.32 8.40 -2.09
C5 DOC D 12 26.06 8.71 -3.45
C6 DOC D 12 25.01 8.10 -4.04
O2 DOC D 12 23.75 6.20 -1.41
N4 DOC D 12 27.36 8.92 -1.43
C1' DOC D 12 23.05 6.60 -3.94
C2' DOC D 12 21.74 7.35 -3.73
C3' DOC D 12 21.55 8.10 -5.03
C4' DOC D 12 22.15 7.16 -6.05
O4' DOC D 12 23.26 6.54 -5.36
C5' DOC D 12 22.69 7.79 -7.29
O5' DOC D 12 23.73 8.75 -6.93
P DOC D 12 24.42 9.62 -8.12
OP1 DOC D 12 23.30 10.08 -9.04
OP2 DOC D 12 25.28 10.68 -7.42
P OMG E 16 54.01 -19.28 5.18
OP1 OMG E 16 53.07 -19.21 6.36
OP2 OMG E 16 55.49 -19.15 5.45
O5' OMG E 16 53.75 -20.65 4.37
C5' OMG E 16 52.75 -20.71 3.31
C4' OMG E 16 53.33 -21.40 2.10
O4' OMG E 16 54.11 -20.45 1.33
C3' OMG E 16 54.29 -22.57 2.38
O3' OMG E 16 54.09 -23.59 1.40
C2' OMG E 16 55.67 -21.89 2.32
O2' OMG E 16 56.76 -22.79 2.06
CM2 OMG E 16 57.83 -22.68 2.99
C1' OMG E 16 55.44 -20.92 1.17
N9 OMG E 16 56.34 -19.77 1.16
C8 OMG E 16 57.04 -19.22 2.21
N7 OMG E 16 57.78 -18.19 1.88
C5 OMG E 16 57.57 -18.04 0.51
C6 OMG E 16 58.10 -17.10 -0.40
O6 OMG E 16 58.90 -16.17 -0.19
N1 OMG E 16 57.62 -17.32 -1.69
C2 OMG E 16 56.74 -18.31 -2.06
N2 OMG E 16 56.40 -18.38 -3.35
N3 OMG E 16 56.23 -19.21 -1.20
C4 OMG E 16 56.69 -19.01 0.06
N GLU F 2 15.22 -42.37 -1.94
CA GLU F 2 16.17 -41.32 -2.42
C GLU F 2 15.77 -40.91 -3.84
N GLU F 3 16.48 -41.44 -4.86
CA GLU F 3 16.50 -40.86 -6.22
C GLU F 3 15.38 -41.38 -7.12
N ALA F 4 14.80 -40.45 -7.89
CA ALA F 4 13.76 -40.74 -8.87
C ALA F 4 14.10 -40.08 -10.20
N PRO F 5 13.29 -40.28 -11.27
CA PRO F 5 13.63 -39.78 -12.61
C PRO F 5 13.00 -38.42 -12.93
N TRP F 6 13.71 -37.63 -13.75
CA TRP F 6 13.14 -36.41 -14.31
C TRP F 6 11.90 -36.77 -15.13
N PRO F 7 10.80 -35.97 -15.16
CA PRO F 7 10.70 -34.69 -14.46
C PRO F 7 10.22 -34.85 -13.02
N PRO F 8 10.43 -33.82 -12.17
CA PRO F 8 9.92 -33.81 -10.81
C PRO F 8 8.42 -33.51 -10.72
N PRO F 9 7.77 -33.81 -9.58
CA PRO F 9 6.36 -33.46 -9.38
C PRO F 9 6.24 -31.94 -9.23
N GLU F 10 5.02 -31.42 -9.11
CA GLU F 10 4.82 -29.98 -9.00
C GLU F 10 5.17 -29.47 -7.60
N GLY F 11 5.57 -28.19 -7.54
CA GLY F 11 5.99 -27.54 -6.32
C GLY F 11 7.34 -28.07 -5.79
N ALA F 12 8.16 -28.64 -6.68
CA ALA F 12 9.48 -29.10 -6.30
C ALA F 12 10.41 -27.89 -6.23
N PHE F 13 11.47 -28.03 -5.44
CA PHE F 13 12.51 -27.02 -5.32
C PHE F 13 13.68 -27.40 -6.22
N VAL F 14 14.26 -26.40 -6.88
CA VAL F 14 15.29 -26.61 -7.87
C VAL F 14 16.66 -26.35 -7.25
N GLY F 15 17.66 -27.02 -7.81
CA GLY F 15 19.05 -26.70 -7.56
C GLY F 15 19.80 -26.73 -8.88
N PHE F 16 20.92 -26.00 -8.96
CA PHE F 16 21.59 -25.89 -10.24
C PHE F 16 23.02 -25.45 -10.00
N VAL F 17 23.88 -25.70 -11.02
CA VAL F 17 25.25 -25.25 -11.00
C VAL F 17 25.54 -24.48 -12.29
N LEU F 18 26.24 -23.35 -12.14
CA LEU F 18 26.65 -22.49 -13.24
C LEU F 18 28.17 -22.56 -13.38
N SER F 19 28.69 -22.39 -14.60
CA SER F 19 30.13 -22.34 -14.81
C SER F 19 30.73 -21.13 -14.10
N ARG F 20 29.91 -20.12 -13.77
CA ARG F 20 30.38 -18.89 -13.16
C ARG F 20 29.22 -18.10 -12.54
N LYS F 21 29.57 -17.05 -11.78
CA LYS F 21 28.69 -16.17 -11.04
C LYS F 21 27.55 -15.59 -11.88
N GLU F 22 27.96 -14.91 -12.96
CA GLU F 22 27.12 -14.05 -13.77
C GLU F 22 26.19 -14.90 -14.62
N PRO F 23 24.87 -14.93 -14.33
CA PRO F 23 23.94 -15.79 -15.08
C PRO F 23 23.87 -15.50 -16.57
N MET F 24 24.19 -14.29 -16.99
CA MET F 24 24.04 -13.96 -18.41
C MET F 24 25.19 -14.57 -19.19
N TRP F 25 26.33 -14.78 -18.51
CA TRP F 25 27.53 -15.30 -19.15
C TRP F 25 27.74 -16.78 -18.84
N ALA F 26 26.90 -17.37 -18.01
CA ALA F 26 27.24 -18.65 -17.43
C ALA F 26 26.68 -19.77 -18.29
N ASP F 27 27.36 -20.90 -18.15
CA ASP F 27 26.93 -22.18 -18.68
C ASP F 27 26.21 -22.94 -17.57
N LEU F 28 25.04 -23.51 -17.90
CA LEU F 28 24.31 -24.36 -16.97
C LEU F 28 24.86 -25.79 -17.00
N LEU F 29 25.71 -26.13 -16.01
CA LEU F 29 26.35 -27.43 -15.89
C LEU F 29 25.39 -28.52 -15.40
N ALA F 30 24.43 -28.20 -14.52
CA ALA F 30 23.62 -29.23 -13.88
C ALA F 30 22.35 -28.61 -13.28
N LEU F 31 21.28 -29.42 -13.27
CA LEU F 31 19.98 -29.03 -12.74
C LEU F 31 19.35 -30.24 -12.05
N ALA F 32 18.81 -30.03 -10.85
CA ALA F 32 18.03 -31.05 -10.16
C ALA F 32 16.84 -30.39 -9.49
N ALA F 33 15.93 -31.23 -8.99
CA ALA F 33 14.75 -30.77 -8.26
C ALA F 33 14.43 -31.76 -7.14
N ALA F 34 13.84 -31.27 -6.04
CA ALA F 34 13.59 -32.08 -4.86
C ALA F 34 12.17 -31.82 -4.35
N ARG F 35 11.48 -32.91 -3.98
CA ARG F 35 10.23 -32.83 -3.26
C ARG F 35 10.14 -34.02 -2.31
N GLY F 36 9.59 -33.78 -1.13
CA GLY F 36 9.52 -34.75 -0.06
C GLY F 36 10.83 -35.51 0.14
N GLY F 37 11.97 -34.87 -0.08
CA GLY F 37 13.26 -35.50 0.19
C GLY F 37 13.85 -36.26 -1.00
N ARG F 38 13.03 -36.53 -2.03
CA ARG F 38 13.44 -37.21 -3.25
C ARG F 38 14.14 -36.24 -4.21
N VAL F 39 15.31 -36.66 -4.72
CA VAL F 39 16.08 -35.83 -5.62
C VAL F 39 15.91 -36.37 -7.05
N HIS F 40 15.40 -35.52 -7.95
CA HIS F 40 15.24 -35.85 -9.36
C HIS F 40 16.29 -35.11 -10.18
N ARG F 41 17.27 -35.84 -10.72
CA ARG F 41 18.34 -35.22 -11.50
C ARG F 41 17.95 -35.21 -12.98
N ALA F 42 18.24 -34.09 -13.66
CA ALA F 42 17.90 -33.91 -15.07
C ALA F 42 19.14 -34.19 -15.92
N PRO F 43 19.08 -35.15 -16.88
CA PRO F 43 20.24 -35.48 -17.73
C PRO F 43 20.59 -34.43 -18.78
N GLU F 44 19.58 -33.68 -19.26
CA GLU F 44 19.82 -32.55 -20.14
C GLU F 44 19.37 -31.25 -19.48
N PRO F 45 20.29 -30.53 -18.77
CA PRO F 45 19.91 -29.39 -17.93
C PRO F 45 19.06 -28.36 -18.66
N TYR F 46 19.59 -27.81 -19.77
CA TYR F 46 18.95 -26.73 -20.52
C TYR F 46 17.55 -27.10 -21.03
N LYS F 47 17.32 -28.36 -21.38
CA LYS F 47 16.04 -28.77 -21.93
C LYS F 47 15.06 -29.06 -20.81
N ALA F 48 15.62 -29.41 -19.64
CA ALA F 48 14.84 -29.73 -18.45
C ALA F 48 14.19 -28.49 -17.84
N LEU F 49 14.72 -27.29 -18.17
CA LEU F 49 14.11 -26.03 -17.77
C LEU F 49 12.66 -25.95 -18.24
N ARG F 50 12.33 -26.55 -19.40
CA ARG F 50 11.00 -26.48 -19.98
C ARG F 50 9.95 -27.17 -19.10
N ASP F 51 10.39 -28.09 -18.23
CA ASP F 51 9.48 -28.94 -17.47
C ASP F 51 9.00 -28.23 -16.20
N LEU F 52 9.74 -27.22 -15.74
CA LEU F 52 9.41 -26.46 -14.54
C LEU F 52 8.44 -25.34 -14.87
N LYS F 53 7.48 -25.10 -13.97
CA LYS F 53 6.56 -23.98 -14.08
C LYS F 53 7.18 -22.68 -13.53
N GLU F 54 8.14 -22.83 -12.61
CA GLU F 54 8.84 -21.71 -12.00
C GLU F 54 10.13 -22.27 -11.42
N ALA F 55 11.10 -21.37 -11.16
CA ALA F 55 12.26 -21.70 -10.36
C ALA F 55 12.03 -21.34 -8.88
N ARG F 56 11.84 -22.37 -8.04
CA ARG F 56 11.73 -22.24 -6.59
C ARG F 56 12.98 -22.77 -5.93
N GLY F 57 13.72 -21.93 -5.22
CA GLY F 57 14.84 -22.43 -4.46
C GLY F 57 15.93 -21.39 -4.34
N LEU F 58 17.06 -21.82 -3.78
CA LEU F 58 18.15 -20.91 -3.54
C LEU F 58 18.58 -20.27 -4.85
N LEU F 59 18.71 -18.94 -4.82
CA LEU F 59 19.18 -18.13 -5.94
C LEU F 59 18.29 -18.33 -7.15
N ALA F 60 16.97 -18.43 -6.93
CA ALA F 60 16.01 -18.71 -7.99
C ALA F 60 16.13 -17.71 -9.14
N LYS F 61 16.36 -16.43 -8.81
CA LYS F 61 16.38 -15.38 -9.81
C LYS F 61 17.52 -15.64 -10.82
N ASP F 62 18.67 -16.08 -10.35
CA ASP F 62 19.82 -16.29 -11.21
C ASP F 62 19.50 -17.31 -12.30
N LEU F 63 18.76 -18.38 -11.94
CA LEU F 63 18.42 -19.41 -12.91
C LEU F 63 17.42 -18.86 -13.91
N SER F 64 16.46 -18.10 -13.37
CA SER F 64 15.44 -17.48 -14.19
C SER F 64 16.07 -16.53 -15.23
N VAL F 65 17.17 -15.88 -14.87
CA VAL F 65 17.86 -14.99 -15.79
C VAL F 65 18.48 -15.79 -16.93
N LEU F 66 19.20 -16.87 -16.59
CA LEU F 66 19.74 -17.76 -17.60
C LEU F 66 18.63 -18.26 -18.52
N ALA F 67 17.49 -18.62 -17.94
CA ALA F 67 16.38 -19.13 -18.73
C ALA F 67 15.92 -18.07 -19.75
N LEU F 68 15.72 -16.83 -19.30
CA LEU F 68 15.32 -15.73 -20.17
C LEU F 68 16.32 -15.54 -21.33
N ARG F 69 17.62 -15.58 -21.03
CA ARG F 69 18.67 -15.52 -22.03
C ARG F 69 18.43 -16.56 -23.13
N GLU F 70 18.02 -17.77 -22.71
CA GLU F 70 17.79 -18.89 -23.60
C GLU F 70 16.41 -18.82 -24.28
N GLY F 71 15.63 -17.76 -23.97
CA GLY F 71 14.34 -17.54 -24.61
C GLY F 71 13.19 -18.21 -23.86
N LEU F 72 13.42 -18.62 -22.61
CA LEU F 72 12.37 -19.28 -21.83
C LEU F 72 11.94 -18.40 -20.66
N GLY F 73 10.62 -18.26 -20.50
CA GLY F 73 10.01 -17.48 -19.43
C GLY F 73 9.70 -18.36 -18.21
N LEU F 74 10.73 -18.58 -17.38
CA LEU F 74 10.63 -19.38 -16.16
C LEU F 74 10.78 -18.42 -14.97
N PRO F 75 9.66 -17.96 -14.37
CA PRO F 75 9.73 -16.91 -13.36
C PRO F 75 10.31 -17.50 -12.09
N PRO F 76 11.05 -16.69 -11.29
CA PRO F 76 11.50 -17.14 -9.98
C PRO F 76 10.32 -17.08 -8.99
N GLY F 77 10.25 -18.06 -8.09
CA GLY F 77 9.32 -18.04 -6.97
C GLY F 77 10.07 -18.08 -5.63
N ASP F 78 9.62 -18.94 -4.72
CA ASP F 78 10.16 -18.97 -3.36
C ASP F 78 11.67 -19.09 -3.43
N ASP F 79 12.35 -18.39 -2.52
CA ASP F 79 13.80 -18.50 -2.39
C ASP F 79 14.13 -18.29 -0.91
N PRO F 80 14.63 -19.34 -0.22
CA PRO F 80 15.03 -19.22 1.19
C PRO F 80 16.00 -18.09 1.51
N MET F 81 16.83 -17.69 0.55
CA MET F 81 17.73 -16.55 0.74
C MET F 81 16.95 -15.29 1.12
N LEU F 82 15.75 -15.11 0.52
CA LEU F 82 14.93 -13.94 0.78
C LEU F 82 14.31 -14.01 2.19
N LEU F 83 13.87 -15.21 2.59
CA LEU F 83 13.39 -15.45 3.95
C LEU F 83 14.50 -15.11 4.93
N ALA F 84 15.71 -15.59 4.65
CA ALA F 84 16.84 -15.43 5.54
C ALA F 84 17.26 -13.96 5.63
N TYR F 85 17.31 -13.30 4.48
CA TYR F 85 17.68 -11.89 4.41
C TYR F 85 16.72 -11.05 5.25
N LEU F 86 15.43 -11.42 5.27
CA LEU F 86 14.42 -10.67 6.02
C LEU F 86 14.52 -10.96 7.51
N LEU F 87 14.84 -12.20 7.87
CA LEU F 87 15.07 -12.59 9.24
C LEU F 87 16.25 -11.81 9.83
N ASP F 88 17.31 -11.63 9.01
CA ASP F 88 18.52 -10.93 9.39
C ASP F 88 19.31 -10.60 8.12
N PRO F 89 19.42 -9.31 7.70
CA PRO F 89 20.09 -8.94 6.47
C PRO F 89 21.61 -9.13 6.45
N SER F 90 22.18 -9.63 7.55
CA SER F 90 23.52 -10.21 7.57
C SER F 90 23.55 -11.58 6.89
N ASN F 91 22.38 -12.16 6.62
CA ASN F 91 22.32 -13.35 5.78
C ASN F 91 22.39 -12.96 4.30
N THR F 92 23.58 -13.07 3.69
CA THR F 92 23.75 -12.66 2.30
C THR F 92 24.16 -13.78 1.33
N THR F 93 24.65 -14.93 1.82
CA THR F 93 25.04 -16.00 0.90
C THR F 93 24.39 -17.32 1.29
N PRO F 94 24.16 -18.23 0.30
CA PRO F 94 23.73 -19.60 0.62
C PRO F 94 24.69 -20.39 1.51
N GLU F 95 26.01 -20.19 1.35
CA GLU F 95 27.00 -20.84 2.18
C GLU F 95 26.72 -20.46 3.63
N GLY F 96 26.57 -19.15 3.86
CA GLY F 96 26.41 -18.59 5.19
C GLY F 96 25.09 -19.01 5.82
N VAL F 97 24.00 -18.95 5.05
CA VAL F 97 22.66 -19.30 5.50
C VAL F 97 22.60 -20.79 5.90
N ALA F 98 23.21 -21.67 5.09
CA ALA F 98 23.26 -23.10 5.39
C ALA F 98 24.02 -23.35 6.69
N ARG F 99 25.24 -22.79 6.76
CA ARG F 99 26.07 -22.90 7.95
C ARG F 99 25.31 -22.42 9.19
N ARG F 100 24.59 -21.29 9.07
CA ARG F 100 23.96 -20.68 10.23
C ARG F 100 22.71 -21.43 10.66
N TYR F 101 21.94 -21.98 9.70
CA TYR F 101 20.60 -22.45 10.00
C TYR F 101 20.41 -23.94 9.72
N GLY F 102 21.30 -24.59 8.94
CA GLY F 102 21.21 -26.04 8.78
C GLY F 102 21.47 -26.51 7.34
N GLY F 103 22.34 -27.52 7.23
CA GLY F 103 22.72 -28.11 5.97
C GLY F 103 24.05 -27.56 5.48
N GLU F 104 24.40 -27.88 4.23
CA GLU F 104 25.65 -27.44 3.63
C GLU F 104 25.46 -27.07 2.16
N TRP F 105 26.02 -25.93 1.77
CA TRP F 105 26.03 -25.50 0.37
C TRP F 105 27.16 -26.22 -0.36
N THR F 106 26.79 -27.21 -1.18
CA THR F 106 27.78 -27.97 -1.92
C THR F 106 27.84 -27.46 -3.36
N GLU F 107 28.57 -28.19 -4.21
CA GLU F 107 28.72 -27.84 -5.62
C GLU F 107 28.02 -28.89 -6.48
N GLU F 108 26.90 -29.44 -5.98
CA GLU F 108 26.20 -30.50 -6.67
C GLU F 108 24.72 -30.14 -6.69
N ALA F 109 24.15 -30.08 -7.91
CA ALA F 109 22.78 -29.63 -8.12
C ALA F 109 21.81 -30.33 -7.18
N GLY F 110 21.86 -31.66 -7.09
CA GLY F 110 20.88 -32.42 -6.32
C GLY F 110 20.90 -32.10 -4.82
N GLU F 111 22.10 -31.93 -4.27
CA GLU F 111 22.26 -31.52 -2.89
C GLU F 111 21.66 -30.12 -2.69
N ARG F 112 21.97 -29.21 -3.62
CA ARG F 112 21.49 -27.84 -3.58
C ARG F 112 19.96 -27.81 -3.63
N ALA F 113 19.37 -28.77 -4.34
CA ALA F 113 17.92 -28.78 -4.48
C ALA F 113 17.25 -29.25 -3.19
N ALA F 114 17.90 -30.21 -2.50
CA ALA F 114 17.37 -30.75 -1.26
C ALA F 114 17.54 -29.72 -0.14
N LEU F 115 18.70 -29.06 -0.11
CA LEU F 115 18.97 -27.96 0.81
C LEU F 115 17.92 -26.86 0.66
N SER F 116 17.59 -26.51 -0.59
CA SER F 116 16.59 -25.50 -0.87
C SER F 116 15.29 -25.85 -0.16
N GLU F 117 14.87 -27.13 -0.28
CA GLU F 117 13.62 -27.57 0.32
C GLU F 117 13.65 -27.48 1.85
N ARG F 118 14.74 -27.93 2.45
CA ARG F 118 14.87 -27.99 3.90
C ARG F 118 14.97 -26.57 4.47
N LEU F 119 15.88 -25.76 3.93
CA LEU F 119 16.04 -24.37 4.35
C LEU F 119 14.74 -23.60 4.16
N PHE F 120 13.92 -23.96 3.15
CA PHE F 120 12.69 -23.20 2.98
C PHE F 120 11.77 -23.35 4.18
N ALA F 121 11.48 -24.60 4.58
CA ALA F 121 10.57 -24.87 5.70
C ALA F 121 11.18 -24.42 7.04
N ASN F 122 12.49 -24.60 7.17
CA ASN F 122 13.25 -24.23 8.36
C ASN F 122 13.13 -22.73 8.62
N LEU F 123 13.42 -21.90 7.60
CA LEU F 123 13.38 -20.44 7.71
C LEU F 123 11.96 -19.92 7.79
N TRP F 124 11.03 -20.53 7.04
CA TRP F 124 9.62 -20.24 7.20
C TRP F 124 9.22 -20.40 8.67
N GLY F 125 9.54 -21.57 9.24
CA GLY F 125 9.30 -21.84 10.65
C GLY F 125 9.88 -20.76 11.57
N ARG F 126 11.13 -20.34 11.31
CA ARG F 126 11.78 -19.34 12.15
C ARG F 126 11.13 -17.97 12.02
N LEU F 127 10.35 -17.78 10.95
CA LEU F 127 9.71 -16.50 10.70
C LEU F 127 8.26 -16.53 11.19
N GLU F 128 7.82 -17.61 11.84
CA GLU F 128 6.45 -17.67 12.33
C GLU F 128 6.22 -16.57 13.37
N GLY F 129 5.07 -15.90 13.25
CA GLY F 129 4.75 -14.80 14.14
C GLY F 129 5.29 -13.44 13.66
N GLU F 130 6.21 -13.44 12.66
CA GLU F 130 6.81 -12.23 12.13
C GLU F 130 6.00 -11.79 10.91
N GLU F 131 4.79 -11.31 11.16
CA GLU F 131 3.81 -11.13 10.12
C GLU F 131 4.19 -10.02 9.13
N ARG F 132 4.89 -8.96 9.58
CA ARG F 132 5.28 -7.89 8.68
C ARG F 132 6.46 -8.32 7.80
N LEU F 133 7.40 -9.10 8.36
CA LEU F 133 8.46 -9.69 7.54
C LEU F 133 7.89 -10.64 6.49
N LEU F 134 6.88 -11.43 6.86
CA LEU F 134 6.27 -12.34 5.90
C LEU F 134 5.49 -11.59 4.80
N TRP F 135 4.85 -10.47 5.16
CA TRP F 135 4.21 -9.59 4.18
C TRP F 135 5.25 -9.02 3.21
N LEU F 136 6.42 -8.61 3.70
CA LEU F 136 7.48 -8.11 2.83
C LEU F 136 7.92 -9.20 1.87
N TYR F 137 8.01 -10.43 2.38
CA TYR F 137 8.37 -11.57 1.57
C TYR F 137 7.36 -11.74 0.44
N ARG F 138 6.08 -11.87 0.82
CA ARG F 138 5.06 -12.26 -0.15
C ARG F 138 4.76 -11.12 -1.10
N GLU F 139 4.67 -9.89 -0.57
CA GLU F 139 4.15 -8.77 -1.34
C GLU F 139 5.26 -7.92 -1.95
N VAL F 140 6.51 -8.06 -1.51
CA VAL F 140 7.58 -7.23 -2.05
C VAL F 140 8.72 -8.08 -2.59
N GLU F 141 9.38 -8.87 -1.75
CA GLU F 141 10.66 -9.47 -2.11
C GLU F 141 10.49 -10.56 -3.16
N ARG F 142 9.52 -11.45 -2.96
CA ARG F 142 9.33 -12.57 -3.88
C ARG F 142 8.91 -12.04 -5.24
N PRO F 143 7.84 -11.22 -5.38
CA PRO F 143 7.49 -10.68 -6.69
C PRO F 143 8.57 -9.79 -7.33
N LEU F 144 9.37 -9.11 -6.50
CA LEU F 144 10.44 -8.27 -7.00
C LEU F 144 11.51 -9.11 -7.68
N SER F 145 11.74 -10.33 -7.17
CA SER F 145 12.77 -11.18 -7.73
C SER F 145 12.48 -11.41 -9.22
N ALA F 146 11.19 -11.52 -9.57
CA ALA F 146 10.78 -11.69 -10.95
C ALA F 146 11.03 -10.42 -11.77
N VAL F 147 10.79 -9.26 -11.15
CA VAL F 147 11.10 -8.00 -11.80
C VAL F 147 12.60 -7.94 -12.09
N LEU F 148 13.44 -8.28 -11.10
CA LEU F 148 14.88 -8.16 -11.26
C LEU F 148 15.39 -9.09 -12.35
N ALA F 149 14.80 -10.29 -12.45
CA ALA F 149 15.15 -11.25 -13.46
C ALA F 149 14.97 -10.64 -14.86
N HIS F 150 13.83 -9.99 -15.08
CA HIS F 150 13.61 -9.35 -16.38
C HIS F 150 14.64 -8.24 -16.61
N MET F 151 14.98 -7.49 -15.55
CA MET F 151 15.81 -6.32 -15.70
C MET F 151 17.20 -6.77 -16.14
N GLU F 152 17.71 -7.78 -15.42
CA GLU F 152 19.00 -8.37 -15.70
C GLU F 152 19.09 -8.89 -17.13
N ALA F 153 18.07 -9.64 -17.57
CA ALA F 153 18.10 -10.32 -18.87
C ALA F 153 17.86 -9.34 -20.03
N THR F 154 17.28 -8.17 -19.74
CA THR F 154 17.01 -7.17 -20.77
C THR F 154 18.26 -6.38 -21.09
N GLY F 155 18.98 -5.94 -20.05
CA GLY F 155 20.16 -5.11 -20.24
C GLY F 155 19.86 -3.73 -20.82
N VAL F 156 20.94 -3.01 -21.15
CA VAL F 156 20.89 -1.64 -21.63
C VAL F 156 21.85 -1.49 -22.81
N ARG F 157 21.41 -0.75 -23.83
CA ARG F 157 22.24 -0.47 -24.99
C ARG F 157 23.31 0.57 -24.66
N LEU F 158 24.44 0.43 -25.36
CA LEU F 158 25.61 1.26 -25.14
C LEU F 158 26.07 1.85 -26.48
N ASP F 159 26.46 3.13 -26.51
CA ASP F 159 27.05 3.74 -27.69
C ASP F 159 28.55 3.44 -27.71
N VAL F 160 28.90 2.34 -28.39
CA VAL F 160 30.24 1.76 -28.37
C VAL F 160 31.27 2.69 -29.01
N ALA F 161 30.94 3.27 -30.17
CA ALA F 161 31.86 4.10 -30.94
C ALA F 161 32.22 5.38 -30.19
N TYR F 162 31.21 5.98 -29.56
CA TYR F 162 31.36 7.12 -28.69
C TYR F 162 32.36 6.83 -27.56
N LEU F 163 32.23 5.65 -26.92
CA LEU F 163 33.12 5.29 -25.83
C LEU F 163 34.56 5.04 -26.30
N ARG F 164 34.72 4.37 -27.45
CA ARG F 164 36.02 4.16 -28.07
C ARG F 164 36.72 5.51 -28.33
N ALA F 165 36.00 6.47 -28.91
CA ALA F 165 36.55 7.79 -29.15
C ALA F 165 36.94 8.47 -27.83
N LEU F 166 36.12 8.29 -26.78
CA LEU F 166 36.38 8.91 -25.49
C LEU F 166 37.63 8.30 -24.83
N SER F 167 37.86 6.99 -25.00
CA SER F 167 39.06 6.33 -24.48
C SER F 167 40.33 6.98 -25.04
N LEU F 168 40.34 7.21 -26.36
CA LEU F 168 41.44 7.82 -27.08
C LEU F 168 41.65 9.25 -26.56
N GLU F 169 40.56 9.98 -26.41
CA GLU F 169 40.65 11.36 -25.96
C GLU F 169 41.19 11.45 -24.54
N VAL F 170 40.75 10.52 -23.67
CA VAL F 170 41.15 10.51 -22.26
C VAL F 170 42.60 10.05 -22.12
N ALA F 171 43.00 8.97 -22.83
CA ALA F 171 44.39 8.50 -22.88
C ALA F 171 45.35 9.66 -23.14
N GLU F 172 45.03 10.51 -24.14
CA GLU F 172 45.85 11.65 -24.50
C GLU F 172 45.96 12.63 -23.34
N GLU F 173 44.85 12.86 -22.63
CA GLU F 173 44.87 13.79 -21.51
C GLU F 173 45.73 13.19 -20.38
N ILE F 174 45.58 11.89 -20.16
CA ILE F 174 46.33 11.23 -19.09
C ILE F 174 47.83 11.37 -19.35
N ALA F 175 48.27 11.12 -20.58
CA ALA F 175 49.69 11.25 -20.93
C ALA F 175 50.18 12.66 -20.66
N ARG F 176 49.38 13.65 -21.05
CA ARG F 176 49.77 15.04 -20.92
C ARG F 176 49.92 15.41 -19.45
N LEU F 177 48.97 14.95 -18.61
CA LEU F 177 48.97 15.27 -17.18
C LEU F 177 50.14 14.55 -16.49
N GLU F 178 50.42 13.31 -16.89
CA GLU F 178 51.55 12.59 -16.31
C GLU F 178 52.84 13.38 -16.51
N ALA F 179 53.09 13.83 -17.76
CA ALA F 179 54.29 14.58 -18.12
C ALA F 179 54.37 15.86 -17.29
N GLU F 180 53.24 16.59 -17.21
CA GLU F 180 53.17 17.86 -16.51
C GLU F 180 53.42 17.64 -15.00
N VAL F 181 53.12 16.45 -14.47
CA VAL F 181 53.35 16.16 -13.05
C VAL F 181 54.79 15.67 -12.82
N PHE F 182 55.37 14.93 -13.78
CA PHE F 182 56.78 14.57 -13.74
C PHE F 182 57.64 15.84 -13.71
N ARG F 183 57.39 16.73 -14.67
CA ARG F 183 58.10 17.99 -14.75
C ARG F 183 58.03 18.70 -13.39
N LEU F 184 56.83 18.79 -12.80
CA LEU F 184 56.59 19.60 -11.61
C LEU F 184 57.23 19.00 -10.36
N ALA F 185 57.57 17.70 -10.37
CA ALA F 185 58.08 17.03 -9.18
C ALA F 185 59.59 16.83 -9.25
N GLY F 186 60.17 16.93 -10.45
CA GLY F 186 61.59 16.72 -10.64
C GLY F 186 61.89 15.42 -11.39
N HIS F 187 61.04 14.42 -11.18
CA HIS F 187 61.37 13.05 -11.55
C HIS F 187 60.11 12.27 -11.87
N PRO F 188 60.16 11.21 -12.73
CA PRO F 188 59.11 10.20 -12.79
C PRO F 188 58.75 9.52 -11.48
N PHE F 189 57.53 8.98 -11.42
CA PHE F 189 57.05 8.11 -10.34
C PHE F 189 55.67 7.57 -10.74
N ASN F 190 55.13 6.66 -9.92
CA ASN F 190 53.80 6.13 -10.16
C ASN F 190 52.75 7.04 -9.50
N LEU F 191 52.00 7.82 -10.32
CA LEU F 191 50.93 8.69 -9.82
C LEU F 191 49.81 7.87 -9.18
N ASN F 192 49.63 6.62 -9.60
CA ASN F 192 48.64 5.69 -9.06
C ASN F 192 49.07 5.04 -7.74
N SER F 193 50.29 5.30 -7.27
CA SER F 193 50.76 4.76 -6.00
C SER F 193 50.56 5.82 -4.91
N ARG F 194 49.64 5.55 -3.98
CA ARG F 194 49.43 6.47 -2.86
C ARG F 194 50.70 6.54 -2.01
N ASP F 195 51.44 5.43 -1.86
CA ASP F 195 52.68 5.46 -1.10
C ASP F 195 53.66 6.46 -1.71
N GLN F 196 53.86 6.44 -3.04
CA GLN F 196 54.86 7.28 -3.70
C GLN F 196 54.38 8.73 -3.77
N LEU F 197 53.05 8.93 -3.86
CA LEU F 197 52.45 10.27 -3.84
C LEU F 197 52.64 10.95 -2.49
N GLU F 198 52.56 10.14 -1.41
CA GLU F 198 52.75 10.59 -0.03
C GLU F 198 54.15 11.20 0.12
N ARG F 199 55.17 10.38 -0.24
CA ARG F 199 56.58 10.76 -0.17
C ARG F 199 56.87 11.98 -1.03
N VAL F 200 56.23 12.09 -2.19
CA VAL F 200 56.51 13.19 -3.10
C VAL F 200 55.87 14.48 -2.61
N LEU F 201 54.62 14.40 -2.14
CA LEU F 201 53.82 15.59 -1.82
C LEU F 201 54.26 16.18 -0.48
N PHE F 202 54.59 15.32 0.48
CA PHE F 202 54.73 15.73 1.87
C PHE F 202 56.20 15.78 2.29
N ASP F 203 57.04 14.87 1.76
CA ASP F 203 58.47 14.86 2.05
C ASP F 203 59.19 15.82 1.10
N GLU F 204 59.23 15.51 -0.21
CA GLU F 204 60.05 16.24 -1.16
C GLU F 204 59.56 17.67 -1.35
N LEU F 205 58.25 17.81 -1.64
CA LEU F 205 57.65 19.12 -1.88
C LEU F 205 57.22 19.76 -0.56
N GLY F 206 57.17 18.95 0.52
CA GLY F 206 57.05 19.45 1.88
C GLY F 206 55.67 20.03 2.22
N LEU F 207 54.63 19.65 1.47
CA LEU F 207 53.30 20.22 1.61
C LEU F 207 52.64 19.74 2.90
N PRO F 208 51.75 20.55 3.52
CA PRO F 208 51.11 20.17 4.78
C PRO F 208 50.23 18.92 4.63
N ALA F 209 50.34 18.03 5.63
CA ALA F 209 49.70 16.72 5.62
C ALA F 209 48.51 16.72 6.58
N ILE F 210 47.32 16.99 6.05
CA ILE F 210 46.18 17.43 6.85
C ILE F 210 45.48 16.25 7.52
N GLY F 211 45.44 15.07 6.89
CA GLY F 211 44.69 13.95 7.41
C GLY F 211 45.50 12.65 7.44
N LYS F 212 44.97 11.64 8.14
CA LYS F 212 45.58 10.33 8.21
C LYS F 212 44.71 9.32 7.45
N THR F 213 45.32 8.16 7.10
CA THR F 213 44.58 7.06 6.52
C THR F 213 43.97 6.28 7.68
N GLU F 214 42.97 5.43 7.35
CA GLU F 214 42.15 4.80 8.37
C GLU F 214 42.96 3.84 9.22
N LYS F 215 43.68 2.91 8.58
CA LYS F 215 44.14 1.70 9.24
C LYS F 215 45.67 1.58 9.27
N THR F 216 46.37 2.26 8.35
CA THR F 216 47.82 2.16 8.24
C THR F 216 48.49 3.35 8.93
N GLY F 217 47.68 4.32 9.35
CA GLY F 217 48.18 5.54 9.95
C GLY F 217 49.32 6.15 9.15
N LYS F 218 49.04 6.48 7.88
CA LYS F 218 49.98 7.26 7.06
C LYS F 218 49.31 8.59 6.72
N ARG F 219 50.08 9.52 6.14
CA ARG F 219 49.49 10.77 5.68
C ARG F 219 48.67 10.50 4.41
N SER F 220 47.45 11.08 4.37
CA SER F 220 46.46 10.74 3.36
C SER F 220 46.66 11.61 2.12
N THR F 221 46.45 10.97 0.94
CA THR F 221 46.53 11.63 -0.35
C THR F 221 45.12 11.78 -0.94
N SER F 222 44.08 11.57 -0.10
CA SER F 222 42.70 11.57 -0.56
C SER F 222 42.31 12.99 -0.94
N ALA F 223 41.24 13.10 -1.73
CA ALA F 223 40.73 14.39 -2.20
C ALA F 223 40.41 15.30 -1.02
N ALA F 224 40.02 14.70 0.10
CA ALA F 224 39.73 15.42 1.33
C ALA F 224 40.99 16.16 1.78
N ALA F 225 42.09 15.41 1.92
CA ALA F 225 43.36 15.91 2.42
C ALA F 225 44.05 16.89 1.45
N LEU F 226 43.62 16.91 0.18
CA LEU F 226 44.30 17.69 -0.84
C LEU F 226 43.42 18.85 -1.33
N GLU F 227 42.18 18.94 -0.85
CA GLU F 227 41.22 19.90 -1.38
C GLU F 227 41.72 21.34 -1.18
N ALA F 228 42.15 21.68 0.05
CA ALA F 228 42.56 23.03 0.39
C ALA F 228 43.82 23.42 -0.38
N LEU F 229 44.63 22.43 -0.75
CA LEU F 229 45.93 22.65 -1.37
C LEU F 229 45.82 22.85 -2.88
N ARG F 230 44.62 22.78 -3.46
CA ARG F 230 44.44 22.70 -4.91
C ARG F 230 44.86 24.00 -5.61
N GLU F 231 44.34 25.14 -5.15
CA GLU F 231 44.43 26.38 -5.90
C GLU F 231 45.85 26.94 -5.81
N ALA F 232 46.49 26.76 -4.65
CA ALA F 232 47.84 27.24 -4.42
C ALA F 232 48.85 26.49 -5.30
N HIS F 233 48.76 25.14 -5.31
CA HIS F 233 49.80 24.29 -5.88
C HIS F 233 49.29 23.57 -7.14
N PRO F 234 49.70 24.01 -8.36
CA PRO F 234 49.30 23.36 -9.60
C PRO F 234 49.45 21.84 -9.70
N ILE F 235 50.42 21.27 -8.97
CA ILE F 235 50.70 19.84 -9.08
C ILE F 235 49.54 19.04 -8.50
N VAL F 236 48.95 19.56 -7.42
CA VAL F 236 47.88 18.87 -6.71
C VAL F 236 46.64 18.81 -7.59
N GLU F 237 46.32 19.93 -8.26
CA GLU F 237 45.23 19.96 -9.22
C GLU F 237 45.40 18.89 -10.31
N LYS F 238 46.64 18.77 -10.81
CA LYS F 238 46.93 17.92 -11.95
C LYS F 238 46.80 16.45 -11.56
N ILE F 239 47.21 16.14 -10.32
CA ILE F 239 47.13 14.78 -9.79
C ILE F 239 45.67 14.36 -9.62
N LEU F 240 44.83 15.25 -9.06
CA LEU F 240 43.41 14.95 -8.89
C LEU F 240 42.76 14.75 -10.26
N GLN F 241 43.10 15.57 -11.26
CA GLN F 241 42.57 15.36 -12.60
C GLN F 241 43.02 14.01 -13.17
N TYR F 242 44.29 13.65 -12.91
CA TYR F 242 44.86 12.38 -13.39
C TYR F 242 44.07 11.21 -12.80
N ARG F 243 43.81 11.32 -11.50
CA ARG F 243 43.08 10.29 -10.77
C ARG F 243 41.69 10.09 -11.37
N GLU F 244 40.98 11.18 -11.64
CA GLU F 244 39.64 11.08 -12.18
C GLU F 244 39.67 10.37 -13.55
N LEU F 245 40.53 10.85 -14.45
CA LEU F 245 40.61 10.30 -15.80
C LEU F 245 40.99 8.83 -15.76
N THR F 246 41.96 8.44 -14.92
CA THR F 246 42.41 7.05 -14.85
C THR F 246 41.34 6.15 -14.24
N LYS F 247 40.61 6.69 -13.26
CA LYS F 247 39.51 5.99 -12.61
C LYS F 247 38.43 5.69 -13.65
N LEU F 248 38.00 6.75 -14.34
CA LEU F 248 36.88 6.62 -15.26
C LEU F 248 37.28 5.72 -16.43
N LYS F 249 38.54 5.81 -16.88
CA LYS F 249 39.00 5.03 -18.02
C LYS F 249 39.04 3.54 -17.68
N SER F 250 39.70 3.20 -16.57
CA SER F 250 39.90 1.81 -16.14
C SER F 250 38.61 1.16 -15.64
N THR F 251 37.69 1.93 -15.06
CA THR F 251 36.51 1.34 -14.44
C THR F 251 35.30 1.33 -15.37
N TYR F 252 35.16 2.34 -16.25
CA TYR F 252 33.95 2.50 -17.05
C TYR F 252 34.21 2.52 -18.55
N ILE F 253 35.06 3.45 -19.01
CA ILE F 253 35.17 3.78 -20.43
C ILE F 253 35.67 2.57 -21.22
N ASP F 254 36.74 1.91 -20.76
CA ASP F 254 37.31 0.79 -21.50
C ASP F 254 36.55 -0.52 -21.26
N PRO F 255 36.30 -0.96 -20.00
CA PRO F 255 35.64 -2.24 -19.75
C PRO F 255 34.20 -2.43 -20.22
N LEU F 256 33.38 -1.36 -20.14
CA LEU F 256 31.95 -1.51 -20.37
C LEU F 256 31.67 -1.90 -21.82
N PRO F 257 32.28 -1.23 -22.83
CA PRO F 257 31.98 -1.56 -24.22
C PRO F 257 32.41 -2.98 -24.61
N ASP F 258 33.32 -3.58 -23.83
CA ASP F 258 33.81 -4.92 -24.06
C ASP F 258 32.87 -5.97 -23.45
N LEU F 259 31.83 -5.52 -22.73
CA LEU F 259 30.91 -6.42 -22.01
C LEU F 259 29.58 -6.55 -22.76
N ILE F 260 29.51 -5.96 -23.96
CA ILE F 260 28.33 -6.14 -24.81
C ILE F 260 28.16 -7.63 -25.07
N HIS F 261 26.91 -8.09 -25.03
CA HIS F 261 26.63 -9.51 -24.96
C HIS F 261 26.16 -10.01 -26.32
N PRO F 262 26.73 -11.14 -26.81
CA PRO F 262 26.40 -11.68 -28.13
C PRO F 262 24.92 -11.99 -28.39
N ARG F 263 24.16 -12.36 -27.37
CA ARG F 263 22.80 -12.79 -27.60
C ARG F 263 21.82 -11.61 -27.66
N THR F 264 22.23 -10.44 -27.13
CA THR F 264 21.31 -9.32 -27.01
C THR F 264 21.84 -8.06 -27.68
N GLY F 265 23.17 -7.94 -27.78
CA GLY F 265 23.83 -6.72 -28.21
C GLY F 265 23.77 -5.63 -27.14
N ARG F 266 23.64 -6.04 -25.87
CA ARG F 266 23.45 -5.10 -24.77
C ARG F 266 24.38 -5.45 -23.60
N LEU F 267 24.45 -4.49 -22.67
CA LEU F 267 25.21 -4.59 -21.44
C LEU F 267 24.29 -5.06 -20.30
N HIS F 268 24.72 -6.11 -19.60
CA HIS F 268 23.94 -6.74 -18.54
C HIS F 268 24.65 -6.64 -17.20
N THR F 269 23.86 -6.37 -16.14
CA THR F 269 24.33 -6.24 -14.78
C THR F 269 23.57 -7.26 -13.95
N ARG F 270 23.99 -7.39 -12.68
CA ARG F 270 23.27 -8.16 -11.68
C ARG F 270 22.73 -7.20 -10.62
N PHE F 271 21.46 -7.42 -10.23
CA PHE F 271 20.82 -6.73 -9.13
C PHE F 271 20.75 -7.70 -7.96
N ASN F 272 21.66 -7.52 -7.00
CA ASN F 272 21.81 -8.42 -5.87
C ASN F 272 20.75 -8.07 -4.83
N GLN F 273 19.92 -9.07 -4.49
CA GLN F 273 18.73 -8.78 -3.71
C GLN F 273 18.94 -9.05 -2.22
N THR F 274 20.07 -9.66 -1.81
CA THR F 274 20.37 -9.94 -0.40
C THR F 274 21.81 -9.60 -0.08
N ALA F 275 22.19 -8.34 -0.31
CA ALA F 275 23.59 -7.94 -0.26
C ALA F 275 23.86 -6.78 0.70
N THR F 276 22.81 -6.07 1.19
CA THR F 276 23.01 -4.89 2.03
C THR F 276 22.35 -5.03 3.40
N ALA F 277 22.82 -4.23 4.37
CA ALA F 277 22.34 -4.30 5.75
C ALA F 277 21.06 -3.46 5.94
N THR F 278 20.68 -2.70 4.92
CA THR F 278 19.59 -1.75 5.05
C THR F 278 18.36 -2.14 4.26
N GLY F 279 18.46 -3.10 3.34
CA GLY F 279 17.34 -3.43 2.47
C GLY F 279 17.46 -2.86 1.06
N ARG F 280 18.54 -2.12 0.77
CA ARG F 280 18.82 -1.69 -0.60
C ARG F 280 19.20 -2.89 -1.44
N LEU F 281 19.05 -2.69 -2.76
CA LEU F 281 19.66 -3.56 -3.74
C LEU F 281 21.13 -3.19 -3.86
N SER F 282 21.92 -4.09 -4.41
CA SER F 282 23.24 -3.72 -4.93
C SER F 282 23.29 -4.14 -6.39
N SER F 283 24.31 -3.64 -7.10
CA SER F 283 24.50 -3.97 -8.50
C SER F 283 25.96 -4.32 -8.69
N SER F 284 26.24 -5.34 -9.50
CA SER F 284 27.61 -5.75 -9.72
C SER F 284 27.79 -6.39 -11.10
N ASP F 285 29.05 -6.40 -11.58
CA ASP F 285 29.45 -7.23 -12.71
C ASP F 285 28.78 -6.79 -14.02
N PRO F 286 28.82 -5.49 -14.41
CA PRO F 286 29.40 -4.40 -13.64
C PRO F 286 28.39 -3.66 -12.77
N ASN F 287 28.87 -2.70 -11.98
CA ASN F 287 28.02 -1.96 -11.05
C ASN F 287 27.37 -0.80 -11.81
N LEU F 288 26.15 -1.02 -12.31
CA LEU F 288 25.43 0.03 -13.04
C LEU F 288 24.67 0.97 -12.12
N GLN F 289 24.99 0.92 -10.80
CA GLN F 289 24.50 1.90 -9.84
C GLN F 289 25.63 2.86 -9.48
N SER F 290 26.73 2.84 -10.24
CA SER F 290 27.90 3.66 -9.95
C SER F 290 28.39 4.42 -11.17
N ILE F 291 27.54 4.55 -12.21
CA ILE F 291 27.96 5.22 -13.43
C ILE F 291 28.18 6.71 -13.14
N PRO F 292 29.36 7.28 -13.52
CA PRO F 292 29.65 8.70 -13.30
C PRO F 292 28.56 9.61 -13.84
N VAL F 293 28.41 10.79 -13.24
CA VAL F 293 27.34 11.74 -13.65
C VAL F 293 27.62 13.13 -13.11
N ARG F 294 28.64 13.28 -12.29
CA ARG F 294 28.78 14.50 -11.52
C ARG F 294 29.68 15.51 -12.23
N THR F 295 30.89 15.06 -12.61
CA THR F 295 31.89 15.90 -13.26
C THR F 295 31.61 15.99 -14.76
N PRO F 296 32.19 17.00 -15.44
CA PRO F 296 32.05 17.12 -16.90
C PRO F 296 32.33 15.84 -17.68
N LEU F 297 33.41 15.12 -17.33
CA LEU F 297 33.70 13.85 -17.99
C LEU F 297 32.67 12.79 -17.62
N GLY F 298 32.20 12.84 -16.36
CA GLY F 298 31.21 11.91 -15.89
C GLY F 298 29.94 11.98 -16.74
N GLN F 299 29.58 13.21 -17.11
CA GLN F 299 28.35 13.45 -17.88
C GLN F 299 28.48 12.84 -19.28
N ARG F 300 29.70 12.78 -19.79
CA ARG F 300 29.92 12.26 -21.13
C ARG F 300 29.76 10.73 -21.13
N ILE F 301 30.06 10.08 -20.01
CA ILE F 301 29.86 8.64 -19.88
C ILE F 301 28.36 8.32 -19.90
N ARG F 302 27.52 9.11 -19.20
CA ARG F 302 26.08 8.88 -19.19
C ARG F 302 25.50 8.99 -20.60
N ARG F 303 26.15 9.81 -21.44
CA ARG F 303 25.73 9.98 -22.83
C ARG F 303 25.82 8.65 -23.58
N ALA F 304 26.68 7.74 -23.11
CA ALA F 304 26.93 6.48 -23.78
C ALA F 304 25.83 5.46 -23.50
N PHE F 305 24.95 5.72 -22.51
CA PHE F 305 23.84 4.84 -22.22
C PHE F 305 22.62 5.30 -23.02
N ILE F 306 22.21 4.51 -24.01
CA ILE F 306 21.28 4.95 -25.04
C ILE F 306 20.13 3.96 -25.13
N ALA F 307 19.07 4.35 -25.85
CA ALA F 307 17.93 3.48 -26.11
C ALA F 307 18.12 2.73 -27.43
N GLU F 308 17.43 1.60 -27.54
CA GLU F 308 17.26 0.88 -28.79
C GLU F 308 16.71 1.86 -29.83
N GLU F 309 16.97 1.56 -31.12
CA GLU F 309 16.51 2.45 -32.19
C GLU F 309 14.99 2.37 -32.22
N GLY F 310 14.37 3.56 -32.17
CA GLY F 310 12.92 3.67 -32.14
C GLY F 310 12.38 3.83 -30.73
N TRP F 311 13.27 3.80 -29.71
CA TRP F 311 12.88 3.86 -28.32
C TRP F 311 13.48 5.09 -27.64
N LEU F 312 12.96 5.39 -26.45
CA LEU F 312 13.51 6.42 -25.58
C LEU F 312 13.69 5.86 -24.17
N LEU F 313 14.68 6.41 -23.45
CA LEU F 313 14.86 6.19 -22.03
C LEU F 313 13.92 7.13 -21.26
N VAL F 314 13.31 6.59 -20.19
CA VAL F 314 12.57 7.38 -19.21
C VAL F 314 13.24 7.22 -17.85
N ALA F 315 13.75 8.32 -17.30
CA ALA F 315 14.41 8.32 -16.01
C ALA F 315 13.54 9.05 -14.97
N LEU F 316 13.27 8.37 -13.84
CA LEU F 316 12.47 8.89 -12.73
C LEU F 316 13.27 8.74 -11.45
N ASP F 317 13.50 9.86 -10.74
CA ASP F 317 14.32 9.93 -9.55
C ASP F 317 13.52 10.60 -8.44
N TYR F 318 13.24 9.89 -7.33
CA TYR F 318 12.62 10.52 -6.16
C TYR F 318 13.45 11.73 -5.70
N SER F 319 12.74 12.89 -5.64
CA SER F 319 13.31 14.15 -5.19
C SER F 319 13.50 14.12 -3.68
N GLN F 320 14.72 14.48 -3.24
CA GLN F 320 15.14 14.58 -1.85
C GLN F 320 14.51 13.44 -1.06
N GLU F 321 14.56 12.23 -1.63
CA GLU F 321 13.87 11.05 -1.16
C GLU F 321 14.05 10.79 0.35
N GLY F 322 15.31 10.76 0.77
CA GLY F 322 15.66 10.34 2.12
C GLY F 322 15.19 11.33 3.17
N LEU F 323 15.21 12.61 2.80
CA LEU F 323 14.74 13.70 3.63
C LEU F 323 13.22 13.69 3.74
N ARG F 324 12.50 13.33 2.67
CA ARG F 324 11.06 13.16 2.75
C ARG F 324 10.71 12.00 3.67
N VAL F 325 11.49 10.92 3.61
CA VAL F 325 11.25 9.76 4.43
C VAL F 325 11.48 10.11 5.90
N LEU F 326 12.51 10.92 6.17
CA LEU F 326 12.80 11.36 7.51
C LEU F 326 11.68 12.23 8.06
N ALA F 327 11.17 13.14 7.24
CA ALA F 327 10.08 14.02 7.64
C ALA F 327 8.89 13.17 8.11
N HIS F 328 8.57 12.11 7.39
CA HIS F 328 7.50 11.19 7.78
C HIS F 328 7.84 10.43 9.06
N LEU F 329 9.03 9.83 9.12
CA LEU F 329 9.39 9.05 10.30
C LEU F 329 9.38 9.91 11.57
N SER F 330 9.90 11.13 11.44
CA SER F 330 10.09 12.00 12.60
C SER F 330 8.85 12.83 12.91
N GLY F 331 8.01 13.06 11.91
CA GLY F 331 6.88 13.98 11.99
C GLY F 331 7.30 15.44 12.13
N ASP F 332 8.54 15.77 11.77
CA ASP F 332 9.05 17.11 12.00
C ASP F 332 8.37 18.09 11.04
N GLU F 333 7.58 19.02 11.58
CA GLU F 333 6.70 19.78 10.70
C GLU F 333 7.46 20.92 10.01
N ASN F 334 8.65 21.26 10.52
CA ASN F 334 9.48 22.24 9.81
C ASN F 334 10.04 21.57 8.57
N LEU F 335 10.38 20.27 8.69
CA LEU F 335 10.90 19.52 7.57
C LEU F 335 9.77 19.23 6.59
N ILE F 336 8.57 18.91 7.09
CA ILE F 336 7.40 18.74 6.23
C ILE F 336 7.15 20.03 5.44
N ARG F 337 7.39 21.18 6.09
CA ARG F 337 7.12 22.48 5.49
C ARG F 337 8.05 22.78 4.32
N VAL F 338 9.33 22.40 4.44
CA VAL F 338 10.28 22.52 3.33
C VAL F 338 9.64 22.06 2.03
N PHE F 339 9.03 20.86 2.04
CA PHE F 339 8.49 20.23 0.84
C PHE F 339 7.19 20.91 0.39
N GLN F 340 6.29 21.20 1.33
CA GLN F 340 5.04 21.89 1.01
C GLN F 340 5.31 23.24 0.34
N GLU F 341 6.44 23.90 0.65
CA GLU F 341 6.82 25.16 0.01
C GLU F 341 7.64 24.97 -1.26
N GLY F 342 7.96 23.72 -1.63
CA GLY F 342 8.73 23.46 -2.83
C GLY F 342 10.17 23.95 -2.70
N ARG F 343 10.71 23.99 -1.48
CA ARG F 343 12.12 24.29 -1.27
C ARG F 343 13.00 23.06 -1.47
N ASP F 344 14.26 23.33 -1.79
CA ASP F 344 15.28 22.32 -1.98
C ASP F 344 16.47 22.70 -1.10
N ILE F 345 16.72 21.93 -0.03
CA ILE F 345 17.74 22.27 0.93
C ILE F 345 19.14 21.94 0.41
N HIS F 346 19.22 21.03 -0.57
CA HIS F 346 20.52 20.81 -1.20
C HIS F 346 20.94 22.08 -1.95
N THR F 347 20.02 22.67 -2.73
CA THR F 347 20.28 23.93 -3.41
C THR F 347 20.57 25.05 -2.39
N GLU F 348 19.75 25.13 -1.33
CA GLU F 348 19.95 26.19 -0.34
C GLU F 348 21.34 26.07 0.27
N THR F 349 21.77 24.85 0.63
CA THR F 349 23.09 24.71 1.24
C THR F 349 24.19 25.05 0.22
N ALA F 350 24.04 24.59 -1.02
CA ALA F 350 25.06 24.81 -2.04
C ALA F 350 25.27 26.30 -2.31
N SER F 351 24.16 27.04 -2.45
CA SER F 351 24.19 28.48 -2.65
C SER F 351 25.05 29.19 -1.59
N TRP F 352 24.81 28.86 -0.33
CA TRP F 352 25.56 29.40 0.78
C TRP F 352 27.03 28.98 0.72
N MET F 353 27.26 27.69 0.47
CA MET F 353 28.60 27.13 0.51
C MET F 353 29.51 27.79 -0.52
N PHE F 354 29.00 27.93 -1.76
CA PHE F 354 29.81 28.33 -2.89
C PHE F 354 29.61 29.82 -3.21
N GLY F 355 28.56 30.43 -2.62
CA GLY F 355 28.35 31.86 -2.73
C GLY F 355 27.93 32.23 -4.15
N VAL F 356 26.85 31.59 -4.60
CA VAL F 356 26.32 31.75 -5.94
C VAL F 356 24.81 31.58 -5.83
N PRO F 357 24.03 32.16 -6.76
CA PRO F 357 22.59 31.95 -6.80
C PRO F 357 22.19 30.49 -7.01
N ARG F 358 20.92 30.18 -6.73
CA ARG F 358 20.32 28.87 -6.89
C ARG F 358 20.60 28.33 -8.30
N GLU F 359 20.41 29.17 -9.33
CA GLU F 359 20.45 28.73 -10.72
C GLU F 359 21.86 28.38 -11.16
N ALA F 360 22.87 28.96 -10.50
CA ALA F 360 24.27 28.70 -10.81
C ALA F 360 24.83 27.53 -10.00
N VAL F 361 23.95 26.76 -9.32
CA VAL F 361 24.40 25.57 -8.61
C VAL F 361 24.62 24.46 -9.63
N ASN F 362 25.88 24.02 -9.78
CA ASN F 362 26.25 22.97 -10.72
C ASN F 362 26.21 21.62 -9.98
N PRO F 363 26.15 20.47 -10.70
CA PRO F 363 26.01 19.16 -10.04
C PRO F 363 27.11 18.81 -9.06
N LEU F 364 28.32 19.32 -9.30
CA LEU F 364 29.42 19.13 -8.38
C LEU F 364 29.04 19.77 -7.04
N MET F 365 28.44 20.96 -7.13
CA MET F 365 28.10 21.78 -5.97
C MET F 365 26.97 21.11 -5.19
N ARG F 366 25.97 20.64 -5.91
CA ARG F 366 24.83 19.98 -5.29
C ARG F 366 25.31 18.75 -4.51
N ARG F 367 26.14 17.92 -5.14
CA ARG F 367 26.68 16.71 -4.52
C ARG F 367 27.45 17.11 -3.25
N ALA F 368 28.22 18.19 -3.34
CA ALA F 368 29.01 18.63 -2.19
C ALA F 368 28.10 19.11 -1.04
N ALA F 369 26.95 19.69 -1.41
CA ALA F 369 25.95 20.14 -0.45
C ALA F 369 25.24 18.94 0.18
N LYS F 370 24.97 17.88 -0.61
CA LYS F 370 24.37 16.67 -0.09
C LYS F 370 25.27 16.07 0.99
N THR F 371 26.59 16.12 0.79
CA THR F 371 27.51 15.57 1.77
C THR F 371 27.43 16.33 3.10
N ILE F 372 27.26 17.66 3.06
CA ILE F 372 27.05 18.44 4.28
C ILE F 372 25.68 18.13 4.91
N ASN F 373 24.61 18.16 4.11
CA ASN F 373 23.26 18.03 4.64
C ASN F 373 23.06 16.65 5.30
N PHE F 374 23.47 15.59 4.60
CA PHE F 374 23.36 14.23 5.10
C PHE F 374 24.41 13.98 6.17
N GLY F 375 25.60 14.57 5.96
CA GLY F 375 26.69 14.45 6.91
C GLY F 375 26.26 14.86 8.31
N VAL F 376 25.81 16.12 8.43
CA VAL F 376 25.41 16.66 9.73
C VAL F 376 24.29 15.80 10.33
N LEU F 377 23.26 15.50 9.54
CA LEU F 377 22.15 14.69 10.01
C LEU F 377 22.62 13.35 10.57
N TYR F 378 23.53 12.65 9.84
CA TYR F 378 23.92 11.29 10.23
C TYR F 378 25.17 11.26 11.10
N GLY F 379 25.57 12.41 11.67
CA GLY F 379 26.42 12.42 12.86
C GLY F 379 27.90 12.73 12.57
N MET F 380 28.17 13.42 11.46
CA MET F 380 29.51 13.89 11.15
C MET F 380 30.01 14.81 12.24
N SER F 381 31.26 14.59 12.66
CA SER F 381 31.89 15.36 13.72
C SER F 381 32.12 16.81 13.29
N ALA F 382 32.20 17.71 14.27
CA ALA F 382 32.51 19.12 14.04
C ALA F 382 33.89 19.27 13.38
N HIS F 383 34.89 18.52 13.87
CA HIS F 383 36.21 18.51 13.28
C HIS F 383 36.09 18.36 11.77
N ARG F 384 35.43 17.28 11.29
CA ARG F 384 35.40 16.96 9.87
C ARG F 384 34.59 18.02 9.11
N LEU F 385 33.56 18.54 9.77
CA LEU F 385 32.69 19.52 9.12
C LEU F 385 33.40 20.87 8.98
N SER F 386 34.27 21.21 9.95
CA SER F 386 35.08 22.41 9.87
C SER F 386 36.05 22.34 8.68
N GLN F 387 36.65 21.15 8.44
CA GLN F 387 37.54 20.96 7.31
C GLN F 387 36.78 21.08 5.99
N LYS F 388 35.54 20.61 5.97
CA LYS F 388 34.80 20.45 4.73
C LYS F 388 34.13 21.77 4.33
N LEU F 389 33.86 22.62 5.31
CA LEU F 389 33.30 23.95 5.09
C LEU F 389 34.37 25.04 5.24
N ALA F 390 35.57 24.65 5.71
CA ALA F 390 36.68 25.56 5.94
C ALA F 390 36.24 26.68 6.89
N ILE F 391 35.82 26.29 8.09
CA ILE F 391 35.39 27.22 9.12
C ILE F 391 36.01 26.77 10.44
N PRO F 392 36.09 27.66 11.45
CA PRO F 392 36.58 27.24 12.76
C PRO F 392 35.72 26.16 13.42
N TYR F 393 36.38 25.34 14.25
CA TYR F 393 35.76 24.27 14.99
C TYR F 393 34.44 24.73 15.61
N GLU F 394 34.48 25.82 16.39
CA GLU F 394 33.36 26.25 17.22
C GLU F 394 32.16 26.60 16.34
N GLU F 395 32.44 27.08 15.12
CA GLU F 395 31.41 27.50 14.19
C GLU F 395 30.76 26.29 13.53
N ALA F 396 31.52 25.18 13.47
CA ALA F 396 31.02 23.91 12.99
C ALA F 396 30.10 23.27 14.03
N GLN F 397 30.53 23.30 15.30
N GLN F 397 30.46 23.31 15.32
CA GLN F 397 29.75 22.87 16.44
CA GLN F 397 29.60 22.72 16.34
C GLN F 397 28.39 23.58 16.44
C GLN F 397 28.35 23.59 16.52
N ALA F 398 28.45 24.89 16.18
CA ALA F 398 27.28 25.75 16.19
C ALA F 398 26.36 25.39 15.04
N PHE F 399 26.97 25.09 13.88
CA PHE F 399 26.21 24.70 12.69
C PHE F 399 25.36 23.48 12.97
N ILE F 400 26.00 22.44 13.56
CA ILE F 400 25.36 21.21 13.95
C ILE F 400 24.19 21.49 14.89
N GLU F 401 24.41 22.34 15.88
CA GLU F 401 23.35 22.59 16.90
C GLU F 401 22.20 23.42 16.31
N ARG F 402 22.46 24.26 15.31
CA ARG F 402 21.40 25.06 14.67
C ARG F 402 20.52 24.16 13.80
N TYR F 403 21.09 23.12 13.22
CA TYR F 403 20.31 22.19 12.38
C TYR F 403 19.28 21.50 13.27
N PHE F 404 19.74 20.98 14.40
CA PHE F 404 18.83 20.24 15.29
C PHE F 404 17.89 21.15 16.08
N GLN F 405 18.22 22.45 16.19
N GLN F 405 18.21 22.44 16.20
CA GLN F 405 17.36 23.47 16.76
CA GLN F 405 17.28 23.41 16.78
C GLN F 405 16.25 23.78 15.76
C GLN F 405 16.21 23.76 15.75
N SER F 406 16.59 23.82 14.46
CA SER F 406 15.63 24.03 13.39
C SER F 406 14.65 22.84 13.28
N PHE F 407 15.15 21.61 13.53
CA PHE F 407 14.41 20.36 13.32
C PHE F 407 14.39 19.54 14.61
N PRO F 408 13.72 20.03 15.68
CA PRO F 408 13.76 19.37 16.98
C PRO F 408 13.06 18.01 17.04
N LYS F 409 12.11 17.74 16.16
CA LYS F 409 11.50 16.42 16.17
C LYS F 409 12.40 15.40 15.48
N VAL F 410 13.37 15.86 14.68
CA VAL F 410 14.35 14.95 14.11
C VAL F 410 15.25 14.42 15.23
N ARG F 411 15.73 15.33 16.08
CA ARG F 411 16.55 14.96 17.23
C ARG F 411 15.77 13.98 18.10
N ALA F 412 14.49 14.28 18.36
CA ALA F 412 13.67 13.46 19.25
C ALA F 412 13.49 12.06 18.63
N TRP F 413 13.38 12.02 17.30
CA TRP F 413 13.23 10.79 16.55
C TRP F 413 14.49 9.94 16.64
N ILE F 414 15.65 10.57 16.51
CA ILE F 414 16.91 9.85 16.62
C ILE F 414 16.98 9.21 18.01
N GLU F 415 16.63 9.98 19.04
CA GLU F 415 16.73 9.52 20.43
C GLU F 415 15.77 8.36 20.67
N LYS F 416 14.54 8.45 20.15
CA LYS F 416 13.59 7.37 20.32
C LYS F 416 14.08 6.09 19.64
N THR F 417 14.60 6.24 18.42
CA THR F 417 15.13 5.16 17.63
C THR F 417 16.26 4.43 18.36
N LEU F 418 17.19 5.20 18.90
CA LEU F 418 18.32 4.65 19.63
C LEU F 418 17.87 3.97 20.93
N GLU F 419 16.93 4.58 21.66
CA GLU F 419 16.47 4.07 22.94
C GLU F 419 15.83 2.69 22.75
N GLU F 420 14.93 2.57 21.75
CA GLU F 420 14.31 1.32 21.34
C GLU F 420 15.36 0.32 20.85
N GLY F 421 16.30 0.78 20.00
CA GLY F 421 17.35 -0.09 19.49
C GLY F 421 18.23 -0.66 20.59
N ARG F 422 18.41 0.14 21.64
CA ARG F 422 19.13 -0.28 22.84
C ARG F 422 18.41 -1.44 23.54
N ARG F 423 17.08 -1.35 23.66
CA ARG F 423 16.30 -2.36 24.39
C ARG F 423 16.04 -3.61 23.54
N ARG F 424 15.80 -3.46 22.23
CA ARG F 424 15.46 -4.59 21.37
C ARG F 424 16.68 -5.24 20.73
N GLY F 425 17.73 -4.45 20.48
CA GLY F 425 18.94 -4.92 19.81
C GLY F 425 18.83 -4.82 18.29
N TYR F 426 17.73 -4.22 17.82
CA TYR F 426 17.52 -4.01 16.40
C TYR F 426 16.74 -2.72 16.19
N VAL F 427 16.82 -2.22 14.95
CA VAL F 427 16.05 -1.07 14.49
C VAL F 427 15.28 -1.56 13.27
N GLU F 428 14.28 -0.78 12.82
CA GLU F 428 13.45 -1.31 11.74
C GLU F 428 12.86 -0.16 10.93
N THR F 429 12.45 -0.52 9.72
CA THR F 429 11.86 0.41 8.77
C THR F 429 10.37 0.50 9.04
N LEU F 430 9.71 1.36 8.26
CA LEU F 430 8.30 1.63 8.36
C LEU F 430 7.48 0.35 8.13
N PHE F 431 8.00 -0.57 7.31
CA PHE F 431 7.32 -1.81 7.01
C PHE F 431 7.81 -2.95 7.90
N GLY F 432 8.75 -2.67 8.79
CA GLY F 432 9.13 -3.66 9.78
C GLY F 432 10.36 -4.46 9.34
N ARG F 433 11.01 -4.07 8.23
CA ARG F 433 12.32 -4.62 7.91
C ARG F 433 13.28 -4.27 9.04
N ARG F 434 14.17 -5.21 9.38
CA ARG F 434 14.90 -5.15 10.63
C ARG F 434 16.41 -5.29 10.39
N ARG F 435 17.20 -4.53 11.15
CA ARG F 435 18.65 -4.68 11.18
C ARG F 435 19.09 -4.77 12.64
N TYR F 436 19.80 -5.86 12.98
CA TYR F 436 20.44 -6.03 14.29
C TYR F 436 21.67 -5.16 14.37
N VAL F 437 21.73 -4.32 15.40
CA VAL F 437 22.86 -3.44 15.60
C VAL F 437 23.43 -3.67 16.99
N PRO F 438 24.52 -4.44 17.11
CA PRO F 438 25.23 -4.59 18.37
C PRO F 438 26.01 -3.32 18.69
N ASP F 439 26.50 -3.23 19.92
CA ASP F 439 27.41 -2.12 20.33
C ASP F 439 26.65 -0.82 20.60
N LEU F 440 25.34 -0.87 20.71
CA LEU F 440 24.62 0.35 21.06
C LEU F 440 24.90 0.78 22.50
N GLU F 441 25.36 -0.16 23.35
CA GLU F 441 25.71 0.13 24.73
C GLU F 441 27.18 -0.15 25.01
N ALA F 442 28.03 -0.14 23.98
CA ALA F 442 29.47 -0.35 24.15
C ALA F 442 30.05 0.71 25.08
N ARG F 443 31.15 0.35 25.76
CA ARG F 443 31.75 1.18 26.79
C ARG F 443 32.60 2.27 26.14
N VAL F 444 33.40 1.88 25.13
CA VAL F 444 34.19 2.82 24.33
C VAL F 444 33.24 3.73 23.55
N LYS F 445 33.35 5.05 23.75
CA LYS F 445 32.42 6.04 23.22
C LYS F 445 32.35 5.96 21.69
N SER F 446 33.52 5.91 21.05
CA SER F 446 33.63 5.97 19.60
C SER F 446 32.97 4.76 18.94
N VAL F 447 33.03 3.60 19.60
CA VAL F 447 32.44 2.36 19.09
C VAL F 447 30.92 2.40 19.30
N ARG F 448 30.46 2.96 20.43
CA ARG F 448 29.05 3.14 20.68
C ARG F 448 28.44 4.09 19.64
N GLN F 449 29.12 5.23 19.40
CA GLN F 449 28.59 6.31 18.60
C GLN F 449 28.50 5.86 17.15
N ALA F 450 29.48 5.07 16.72
CA ALA F 450 29.48 4.49 15.39
C ALA F 450 28.25 3.61 15.20
N ALA F 451 28.00 2.74 16.19
CA ALA F 451 26.86 1.82 16.18
C ALA F 451 25.56 2.62 16.07
N GLU F 452 25.47 3.71 16.84
CA GLU F 452 24.35 4.62 16.83
C GLU F 452 24.08 5.16 15.42
N ARG F 453 25.13 5.63 14.72
CA ARG F 453 24.98 6.23 13.40
C ARG F 453 24.43 5.21 12.41
N ARG F 454 24.95 3.96 12.49
CA ARG F 454 24.45 2.86 11.68
C ARG F 454 22.97 2.61 11.98
N ALA F 455 22.59 2.71 13.26
CA ALA F 455 21.27 2.33 13.70
C ALA F 455 20.20 3.35 13.31
N PHE F 456 20.44 4.65 13.48
CA PHE F 456 19.38 5.61 13.18
C PHE F 456 19.37 5.95 11.69
N ASN F 457 20.42 5.59 10.95
CA ASN F 457 20.41 5.75 9.51
C ASN F 457 19.48 4.72 8.88
N MET F 458 19.45 3.49 9.44
CA MET F 458 18.89 2.36 8.71
C MET F 458 17.41 2.57 8.41
N PRO F 459 16.58 2.98 9.40
CA PRO F 459 15.15 3.13 9.16
C PRO F 459 14.84 4.07 7.99
N VAL F 460 15.70 5.08 7.79
CA VAL F 460 15.51 6.03 6.72
C VAL F 460 15.90 5.38 5.39
N GLN F 461 17.15 4.88 5.32
CA GLN F 461 17.66 4.27 4.10
C GLN F 461 16.81 3.07 3.68
N GLY F 462 16.41 2.29 4.69
CA GLY F 462 15.59 1.09 4.48
C GLY F 462 14.14 1.37 4.11
N THR F 463 13.53 2.37 4.76
CA THR F 463 12.16 2.74 4.40
C THR F 463 12.11 3.19 2.94
N ALA F 464 13.11 3.99 2.53
CA ALA F 464 13.22 4.45 1.15
C ALA F 464 13.37 3.28 0.18
N ALA F 465 14.18 2.29 0.55
CA ALA F 465 14.37 1.10 -0.27
C ALA F 465 13.07 0.30 -0.38
N ASP F 466 12.37 0.15 0.74
CA ASP F 466 11.10 -0.56 0.79
C ASP F 466 10.09 0.10 -0.16
N LEU F 467 10.03 1.43 -0.13
CA LEU F 467 9.08 2.19 -0.94
C LEU F 467 9.39 2.04 -2.42
N MET F 468 10.68 2.09 -2.79
CA MET F 468 11.08 1.92 -4.17
C MET F 468 10.71 0.52 -4.67
N LYS F 469 10.96 -0.51 -3.85
CA LYS F 469 10.70 -1.89 -4.21
C LYS F 469 9.20 -2.13 -4.44
N LEU F 470 8.37 -1.47 -3.66
CA LEU F 470 6.93 -1.59 -3.77
C LEU F 470 6.45 -0.90 -5.06
N ALA F 471 7.09 0.23 -5.40
CA ALA F 471 6.85 0.92 -6.66
C ALA F 471 7.21 0.03 -7.86
N MET F 472 8.37 -0.63 -7.79
CA MET F 472 8.81 -1.52 -8.86
C MET F 472 7.81 -2.67 -9.06
N VAL F 473 7.42 -3.34 -7.95
CA VAL F 473 6.53 -4.50 -7.99
C VAL F 473 5.17 -4.10 -8.58
N LYS F 474 4.74 -2.88 -8.26
CA LYS F 474 3.47 -2.34 -8.72
C LYS F 474 3.55 -1.89 -10.18
N LEU F 475 4.65 -1.23 -10.55
CA LEU F 475 4.84 -0.67 -11.88
C LEU F 475 5.16 -1.73 -12.93
N PHE F 476 5.98 -2.72 -12.59
CA PHE F 476 6.51 -3.58 -13.63
C PHE F 476 5.42 -4.22 -14.49
N PRO F 477 4.37 -4.86 -13.91
CA PRO F 477 3.36 -5.55 -14.73
C PRO F 477 2.62 -4.62 -15.70
N ARG F 478 2.46 -3.35 -15.32
CA ARG F 478 1.81 -2.34 -16.15
C ARG F 478 2.71 -1.89 -17.31
N LEU F 479 4.04 -1.94 -17.13
CA LEU F 479 4.95 -1.59 -18.21
C LEU F 479 4.84 -2.61 -19.33
N GLU F 480 4.78 -3.91 -18.98
CA GLU F 480 4.74 -4.97 -19.98
C GLU F 480 3.53 -4.83 -20.90
N GLU F 481 2.38 -4.48 -20.33
CA GLU F 481 1.14 -4.28 -21.07
C GLU F 481 1.31 -3.17 -22.11
N MET F 482 2.26 -2.26 -21.90
CA MET F 482 2.43 -1.08 -22.73
C MET F 482 3.63 -1.24 -23.66
N GLY F 483 4.23 -2.44 -23.71
CA GLY F 483 5.44 -2.69 -24.50
C GLY F 483 6.64 -1.86 -24.03
N ALA F 484 6.78 -1.68 -22.71
CA ALA F 484 7.88 -0.93 -22.12
C ALA F 484 8.72 -1.84 -21.24
N ARG F 485 9.93 -1.37 -20.91
CA ARG F 485 10.89 -2.17 -20.19
C ARG F 485 11.40 -1.37 -19.00
N MET F 486 11.79 -2.12 -17.96
CA MET F 486 12.50 -1.59 -16.82
C MET F 486 13.96 -2.03 -16.96
N LEU F 487 14.89 -1.05 -17.03
CA LEU F 487 16.28 -1.39 -17.28
C LEU F 487 17.09 -1.35 -15.98
N LEU F 488 16.97 -0.26 -15.21
CA LEU F 488 17.84 -0.02 -14.07
C LEU F 488 17.07 0.56 -12.88
N GLN F 489 17.59 0.25 -11.68
CA GLN F 489 17.27 0.93 -10.45
C GLN F 489 18.58 1.45 -9.88
N VAL F 490 18.57 2.72 -9.44
CA VAL F 490 19.73 3.32 -8.80
C VAL F 490 19.26 3.97 -7.51
N HIS F 491 18.72 3.08 -6.67
CA HIS F 491 18.27 3.36 -5.32
C HIS F 491 16.97 4.13 -5.34
N ASP F 492 17.01 5.44 -5.52
CA ASP F 492 15.79 6.22 -5.58
C ASP F 492 15.44 6.58 -7.03
N GLU F 493 16.05 5.88 -8.00
CA GLU F 493 15.90 6.19 -9.41
C GLU F 493 15.55 4.91 -10.18
N LEU F 494 14.65 5.03 -11.16
CA LEU F 494 14.27 4.01 -12.12
C LEU F 494 14.57 4.52 -13.54
N VAL F 495 15.19 3.65 -14.36
CA VAL F 495 15.40 3.91 -15.78
C VAL F 495 14.58 2.88 -16.55
N LEU F 496 13.69 3.40 -17.41
CA LEU F 496 12.83 2.57 -18.24
C LEU F 496 13.19 2.79 -19.71
N GLU F 497 12.73 1.89 -20.57
CA GLU F 497 12.84 2.04 -22.01
C GLU F 497 11.47 1.81 -22.62
N ALA F 498 11.05 2.73 -23.51
CA ALA F 498 9.74 2.63 -24.13
C ALA F 498 9.85 3.03 -25.60
N PRO F 499 8.97 2.50 -26.48
CA PRO F 499 8.88 2.99 -27.86
C PRO F 499 8.60 4.49 -27.83
N LYS F 500 9.27 5.27 -28.71
CA LYS F 500 9.18 6.72 -28.78
C LYS F 500 7.72 7.19 -28.75
N GLU F 501 6.82 6.38 -29.34
CA GLU F 501 5.39 6.62 -29.43
C GLU F 501 4.76 6.61 -28.03
N ARG F 502 5.16 5.63 -27.21
CA ARG F 502 4.51 5.34 -25.93
C ARG F 502 5.22 6.01 -24.76
N ALA F 503 6.29 6.79 -25.02
CA ALA F 503 7.20 7.22 -23.97
C ALA F 503 6.55 8.24 -23.03
N GLU F 504 5.65 9.07 -23.56
CA GLU F 504 4.98 10.10 -22.77
C GLU F 504 4.04 9.46 -21.76
N ALA F 505 3.30 8.44 -22.25
CA ALA F 505 2.32 7.71 -21.45
C ALA F 505 3.01 6.84 -20.40
N VAL F 506 4.18 6.28 -20.74
CA VAL F 506 4.95 5.44 -19.84
C VAL F 506 5.48 6.35 -18.74
N ALA F 507 5.92 7.55 -19.09
CA ALA F 507 6.44 8.47 -18.08
C ALA F 507 5.33 8.82 -17.08
N ARG F 508 4.12 9.11 -17.60
CA ARG F 508 3.00 9.57 -16.78
C ARG F 508 2.56 8.47 -15.81
N LEU F 509 2.41 7.24 -16.31
CA LEU F 509 2.06 6.10 -15.46
C LEU F 509 3.11 5.83 -14.39
N ALA F 510 4.40 5.88 -14.76
CA ALA F 510 5.47 5.57 -13.82
C ALA F 510 5.50 6.60 -12.69
N LYS F 511 5.39 7.88 -13.05
CA LYS F 511 5.25 8.98 -12.10
C LYS F 511 4.08 8.75 -11.13
N GLU F 512 2.87 8.50 -11.64
CA GLU F 512 1.70 8.25 -10.79
C GLU F 512 2.01 7.14 -9.77
N VAL F 513 2.46 5.98 -10.27
CA VAL F 513 2.66 4.80 -9.44
C VAL F 513 3.70 5.08 -8.36
N MET F 514 4.79 5.76 -8.75
CA MET F 514 5.90 5.95 -7.84
C MET F 514 5.56 6.93 -6.71
N GLU F 515 4.61 7.84 -6.96
CA GLU F 515 4.26 8.90 -6.02
C GLU F 515 3.08 8.50 -5.12
N GLY F 516 2.35 7.46 -5.52
CA GLY F 516 1.17 7.04 -4.79
C GLY F 516 1.36 5.74 -4.00
N VAL F 517 2.59 5.39 -3.62
CA VAL F 517 2.88 4.05 -3.10
C VAL F 517 2.42 3.92 -1.65
N TYR F 518 2.46 5.00 -0.86
CA TYR F 518 2.14 4.92 0.57
C TYR F 518 1.65 6.25 1.11
N PRO F 519 0.69 6.22 2.06
CA PRO F 519 0.21 7.46 2.69
C PRO F 519 1.18 8.08 3.69
N LEU F 520 2.15 8.81 3.15
CA LEU F 520 3.14 9.48 3.98
C LEU F 520 2.61 10.84 4.41
N ALA F 521 3.28 11.41 5.42
CA ALA F 521 2.95 12.72 5.95
C ALA F 521 3.53 13.80 5.04
N VAL F 522 4.39 13.36 4.09
CA VAL F 522 5.00 14.23 3.09
C VAL F 522 4.67 13.66 1.71
N PRO F 523 4.34 14.47 0.70
CA PRO F 523 4.10 13.94 -0.64
C PRO F 523 5.44 13.48 -1.23
N LEU F 524 5.41 12.33 -1.92
CA LEU F 524 6.52 11.87 -2.72
C LEU F 524 6.44 12.51 -4.10
N GLU F 525 7.54 13.12 -4.55
CA GLU F 525 7.60 13.78 -5.84
C GLU F 525 8.70 13.10 -6.68
N VAL F 526 8.41 12.89 -7.96
CA VAL F 526 9.31 12.25 -8.91
C VAL F 526 9.69 13.22 -10.02
N GLU F 527 11.00 13.46 -10.20
CA GLU F 527 11.56 14.13 -11.36
C GLU F 527 11.62 13.16 -12.54
N VAL F 528 10.80 13.39 -13.58
CA VAL F 528 10.78 12.62 -14.81
C VAL F 528 11.56 13.33 -15.93
N GLY F 529 12.25 12.54 -16.76
CA GLY F 529 12.86 13.00 -18.01
C GLY F 529 12.81 11.93 -19.11
N ILE F 530 12.69 12.37 -20.36
CA ILE F 530 12.71 11.48 -21.52
C ILE F 530 13.87 11.91 -22.43
N GLY F 531 14.56 10.94 -23.02
CA GLY F 531 15.71 11.25 -23.85
C GLY F 531 16.25 10.02 -24.56
N GLU F 532 17.14 10.26 -25.54
CA GLU F 532 17.72 9.19 -26.34
C GLU F 532 18.86 8.53 -25.57
N ASP F 533 19.41 9.28 -24.60
CA ASP F 533 20.49 8.79 -23.76
C ASP F 533 20.22 9.20 -22.32
N TRP F 534 21.03 8.67 -21.41
CA TRP F 534 20.76 8.74 -19.98
C TRP F 534 21.02 10.15 -19.47
N LEU F 535 21.96 10.87 -20.08
CA LEU F 535 22.22 12.24 -19.67
C LEU F 535 21.01 13.11 -20.03
N SER F 536 20.55 13.00 -21.28
CA SER F 536 19.50 13.90 -21.74
C SER F 536 18.16 13.56 -21.08
N ALA F 537 17.99 12.31 -20.66
CA ALA F 537 16.77 11.93 -19.94
C ALA F 537 16.72 12.50 -18.52
N LYS F 538 17.72 13.27 -18.08
CA LYS F 538 17.72 13.86 -16.75
C LYS F 538 17.97 15.38 -16.83
N GLU F 539 17.89 15.95 -18.03
CA GLU F 539 18.14 17.38 -18.23
C GLU F 539 16.90 18.17 -17.83
MG MG G . -34.61 5.73 13.52
MG MG H . -16.56 -10.80 7.70
MG MG I . -19.12 -9.79 6.53
O36 A1LWE J . -23.12 -5.98 15.99
C36 A1LWE J . -22.11 -5.42 15.58
N31 A1LWE J . -21.51 -4.42 16.35
C32 A1LWE J . -20.38 -3.74 16.03
N32 A1LWE J . -19.96 -2.82 16.93
N33 A1LWE J . -19.70 -3.92 14.89
C35 A1LWE J . -21.39 -5.64 14.38
C34 A1LWE J . -20.27 -4.89 14.13
N37 A1LWE J . -21.61 -6.55 13.35
C38 A1LWE J . -20.62 -6.34 12.51
N39 A1LWE J . -19.79 -5.31 12.91
C41 A1LWE J . -18.52 -4.90 12.31
O44 A1LWE J . -18.52 -5.38 10.98
C42 A1LWE J . -17.33 -5.56 13.03
C46 A1LWE J . -16.28 -3.61 13.87
O42 A1LWE J . -16.13 -4.79 13.09
C43 A1LWE J . -17.03 -6.78 12.15
O43 A1LWE J . -15.72 -7.37 12.20
C44 A1LWE J . -17.36 -6.22 10.77
C45 A1LWE J . -17.70 -7.24 9.72
O45 A1LWE J . -18.93 -7.91 10.07
PA A1LWE J . -19.08 -9.46 9.77
O1A A1LWE J . -20.49 -9.83 10.11
O2A A1LWE J . -18.32 -9.91 8.50
O1B A1LWE J . -18.25 -9.96 11.07
PB A1LWE J . -16.80 -10.68 11.03
O2B A1LWE J . -16.11 -10.31 12.29
O3B A1LWE J . -16.20 -10.44 9.68
O3A A1LWE J . -17.20 -12.22 11.02
PG A1LWE J . -17.28 -13.28 9.80
O1G A1LWE J . -18.49 -14.05 10.15
O2G A1LWE J . -17.14 -12.61 8.47
O25 A1LWE J . -15.95 -14.15 10.08
C1 PEG K . 2.67 5.61 8.95
C2 PEG K . 3.17 4.62 9.98
O2 PEG K . 2.69 3.29 9.70
C3 PEG K . 1.54 2.92 10.46
C4 PEG K . 1.05 1.54 10.05
O4 PEG K . 0.98 0.61 11.12
P PO4 L . -4.48 16.38 -8.23
O1 PO4 L . -3.14 16.45 -7.51
O2 PO4 L . -4.31 15.63 -9.54
O3 PO4 L . -4.99 17.81 -8.48
O4 PO4 L . -5.50 15.63 -7.36
MG MG M . 37.46 -0.76 1.25
MG MG N . 17.03 11.54 -5.53
MG MG O . 19.02 9.84 -7.20
O36 A1LWE P . 26.50 11.21 1.21
C36 A1LWE P . 25.46 10.63 1.54
N31 A1LWE P . 25.26 10.29 2.87
C32 A1LWE P . 24.16 9.63 3.36
N32 A1LWE P . 24.17 9.37 4.68
N33 A1LWE P . 23.13 9.26 2.61
C35 A1LWE P . 24.35 10.27 0.73
C34 A1LWE P . 23.29 9.61 1.30
N37 A1LWE P . 24.12 10.46 -0.62
C38 A1LWE P . 22.92 9.95 -0.83
N39 A1LWE P . 22.38 9.37 0.31
C41 A1LWE P . 21.03 8.85 0.49
O44 A1LWE P . 20.52 8.54 -0.79
C42 A1LWE P . 20.09 9.91 1.08
C46 A1LWE P . 19.53 8.83 3.12
O42 A1LWE P . 19.04 9.42 1.91
C43 A1LWE P . 19.42 10.52 -0.15
O43 A1LWE P . 18.18 11.22 -0.03
C44 A1LWE P . 19.27 9.25 -1.01
C45 A1LWE P . 19.13 9.50 -2.49
O45 A1LWE P . 20.35 10.13 -2.94
PA A1LWE P . 20.27 11.27 -4.04
O1A A1LWE P . 21.63 11.59 -4.57
O2A A1LWE P . 19.13 11.04 -4.97
O1B A1LWE P . 19.86 12.50 -3.05
PB A1LWE P . 18.41 13.23 -2.99
O2B A1LWE P . 18.25 13.74 -1.62
O3B A1LWE P . 17.37 12.40 -3.63
O3A A1LWE P . 18.65 14.44 -4.01
PG A1LWE P . 18.10 14.75 -5.47
O1G A1LWE P . 19.26 15.29 -6.20
O2G A1LWE P . 16.86 15.59 -5.29
O25 A1LWE P . 17.67 13.34 -6.10
C1 PEG Q . 10.08 4.78 13.59
O1 PEG Q . 11.47 4.76 13.25
C2 PEG Q . 9.35 6.00 13.08
O2 PEG Q . 7.97 5.72 12.90
C3 PEG Q . 7.16 6.89 12.78
C4 PEG Q . 5.70 6.52 12.69
O4 PEG Q . 5.20 6.66 11.37
P PO4 R . 2.92 -18.46 0.59
O1 PO4 R . 4.43 -18.43 0.80
O2 PO4 R . 2.48 -17.21 -0.15
O3 PO4 R . 2.22 -18.52 1.96
O4 PO4 R . 2.54 -19.69 -0.23
#